data_4L5O
#
_entry.id   4L5O
#
_cell.length_a   98.370
_cell.length_b   98.370
_cell.length_c   178.501
_cell.angle_alpha   90.00
_cell.angle_beta   90.00
_cell.angle_gamma   120.00
#
_symmetry.space_group_name_H-M   'P 31 2 1'
#
loop_
_entity.id
_entity.type
_entity.pdbx_description
1 polymer 'Putative glutathione transferase'
2 non-polymer GLUTATHIONE
3 non-polymer 'SULFATE ION'
4 non-polymer 'ZINC ION'
5 water water
#
_entity_poly.entity_id   1
_entity_poly.type   'polypeptide(L)'
_entity_poly.pdbx_seq_one_letter_code
;MAPVLGYWKIRGLAQPIRLLLEYVGHSYEEHSYGRCDGEKWQNDKHNLGLELPNLPYYKDGNFSLTQSLAILRYIADKHN
MIGNTPVERAKISMIEGGLVDLRAGVSRIAYQETFEQLKVPYLQQLPSTLRMWSQFLGNNSYLHGSTPTHLDFMFYEALD
VIRYLDPTSVEAFPNLMQFIHRIEALPNIKAFMESDRFIKWPLNGWSAYFGGGDAPPK
;
_entity_poly.pdbx_strand_id   A,B,C
#
loop_
_chem_comp.id
_chem_comp.type
_chem_comp.name
_chem_comp.formula
GSH non-polymer GLUTATHIONE 'C10 H17 N3 O6 S'
SO4 non-polymer 'SULFATE ION' 'O4 S -2'
ZN non-polymer 'ZINC ION' 'Zn 2'
#
# COMPACT_ATOMS: atom_id res chain seq x y z
N MET A 1 -8.88 4.93 -21.14
CA MET A 1 -7.84 3.85 -21.11
C MET A 1 -7.35 3.59 -19.67
N ALA A 2 -6.64 4.56 -19.08
CA ALA A 2 -5.85 4.43 -17.83
C ALA A 2 -6.57 4.96 -16.60
N PRO A 3 -6.26 4.40 -15.45
CA PRO A 3 -6.96 4.86 -14.22
C PRO A 3 -6.79 6.36 -13.94
N VAL A 4 -7.75 6.96 -13.29
CA VAL A 4 -7.72 8.36 -12.99
C VAL A 4 -7.59 8.62 -11.47
N LEU A 5 -6.74 9.55 -11.13
CA LEU A 5 -6.62 10.06 -9.78
C LEU A 5 -7.09 11.50 -9.82
N GLY A 6 -8.17 11.78 -9.14
CA GLY A 6 -8.72 13.15 -9.04
C GLY A 6 -8.34 13.75 -7.71
N TYR A 7 -7.79 14.95 -7.75
CA TYR A 7 -7.46 15.69 -6.55
C TYR A 7 -7.33 17.19 -6.88
N TRP A 8 -7.38 18.01 -5.85
CA TRP A 8 -6.92 19.37 -5.96
C TRP A 8 -5.49 19.40 -6.50
N LYS A 9 -5.15 20.51 -7.16
CA LYS A 9 -3.84 20.69 -7.74
C LYS A 9 -2.92 21.17 -6.63
N ILE A 10 -2.70 20.27 -5.67
CA ILE A 10 -1.85 20.52 -4.51
C ILE A 10 -1.20 19.22 -4.04
N ARG A 11 -0.20 19.33 -3.19
CA ARG A 11 0.43 18.17 -2.63
C ARG A 11 -0.55 17.45 -1.68
N GLY A 12 -0.56 17.85 -0.41
CA GLY A 12 -1.63 17.49 0.49
C GLY A 12 -1.78 15.97 0.58
N LEU A 13 -3.01 15.54 0.65
CA LEU A 13 -3.29 14.12 0.86
C LEU A 13 -2.92 13.21 -0.34
N ALA A 14 -2.77 13.76 -1.55
CA ALA A 14 -2.57 12.87 -2.73
C ALA A 14 -1.12 12.59 -3.13
N GLN A 15 -0.20 13.43 -2.66
CA GLN A 15 1.18 13.35 -3.07
C GLN A 15 1.83 11.98 -2.81
N PRO A 16 1.56 11.36 -1.65
CA PRO A 16 2.11 10.01 -1.44
C PRO A 16 1.52 9.00 -2.41
N ILE A 17 0.28 9.21 -2.84
CA ILE A 17 -0.26 8.36 -3.86
C ILE A 17 0.43 8.52 -5.19
N ARG A 18 0.74 9.75 -5.55
CA ARG A 18 1.46 10.00 -6.81
C ARG A 18 2.83 9.42 -6.70
N LEU A 19 3.51 9.69 -5.60
CA LEU A 19 4.85 9.12 -5.47
C LEU A 19 4.84 7.59 -5.60
N LEU A 20 3.86 6.93 -4.99
CA LEU A 20 3.80 5.47 -5.06
C LEU A 20 3.57 4.97 -6.50
N LEU A 21 2.65 5.64 -7.19
CA LEU A 21 2.31 5.28 -8.57
C LEU A 21 3.52 5.39 -9.46
N GLU A 22 4.24 6.48 -9.26
CA GLU A 22 5.42 6.78 -10.04
C GLU A 22 6.52 5.79 -9.70
N TYR A 23 6.69 5.49 -8.42
CA TYR A 23 7.73 4.54 -8.04
C TYR A 23 7.43 3.15 -8.56
N VAL A 24 6.21 2.63 -8.46
CA VAL A 24 5.90 1.32 -9.01
C VAL A 24 5.74 1.32 -10.56
N GLY A 25 5.53 2.51 -11.14
CA GLY A 25 5.52 2.67 -12.59
C GLY A 25 4.16 2.41 -13.22
N HIS A 26 3.09 2.47 -12.46
CA HIS A 26 1.77 2.17 -13.00
C HIS A 26 1.27 3.40 -13.73
N SER A 27 0.65 3.19 -14.88
CA SER A 27 0.16 4.33 -15.64
C SER A 27 -1.04 4.99 -14.94
N TYR A 28 -1.11 6.31 -14.89
CA TYR A 28 -2.37 6.98 -14.44
C TYR A 28 -2.55 8.37 -15.06
N GLU A 29 -3.77 8.88 -15.03
CA GLU A 29 -4.09 10.20 -15.53
C GLU A 29 -4.47 11.00 -14.29
N GLU A 30 -4.07 12.25 -14.16
CA GLU A 30 -4.62 13.03 -13.10
C GLU A 30 -5.73 13.93 -13.64
N HIS A 31 -6.84 14.00 -12.94
N HIS A 31 -6.89 13.98 -12.98
CA HIS A 31 -7.83 15.03 -13.18
CA HIS A 31 -7.85 15.09 -13.18
C HIS A 31 -7.63 16.08 -12.05
C HIS A 31 -7.61 16.08 -12.05
N SER A 32 -6.94 17.17 -12.37
CA SER A 32 -6.69 18.23 -11.41
C SER A 32 -7.80 19.23 -11.38
N TYR A 33 -7.99 19.74 -10.18
CA TYR A 33 -8.94 20.72 -9.90
C TYR A 33 -8.06 21.82 -9.34
N GLY A 34 -7.93 22.92 -10.08
CA GLY A 34 -7.10 24.05 -9.65
C GLY A 34 -7.82 24.89 -8.61
N ARG A 35 -7.13 25.94 -8.18
CA ARG A 35 -7.63 26.84 -7.13
C ARG A 35 -8.96 27.48 -7.40
N CYS A 36 -9.29 27.67 -8.68
CA CYS A 36 -10.56 28.27 -9.08
C CYS A 36 -11.53 27.25 -9.57
N ASP A 37 -11.27 25.97 -9.37
CA ASP A 37 -12.18 24.93 -9.91
C ASP A 37 -13.17 24.29 -8.91
N GLY A 38 -13.40 24.97 -7.79
CA GLY A 38 -14.39 24.53 -6.79
C GLY A 38 -15.71 24.02 -7.37
N GLU A 39 -16.21 24.72 -8.37
CA GLU A 39 -17.54 24.42 -8.90
C GLU A 39 -17.46 23.27 -9.87
N LYS A 40 -16.33 23.10 -10.51
CA LYS A 40 -16.14 22.00 -11.42
C LYS A 40 -16.25 20.72 -10.60
N TRP A 41 -15.60 20.71 -9.44
CA TRP A 41 -15.65 19.56 -8.50
C TRP A 41 -17.07 19.32 -8.02
N GLN A 42 -17.71 20.40 -7.58
CA GLN A 42 -19.13 20.29 -7.20
C GLN A 42 -19.98 19.62 -8.28
N ASN A 43 -19.72 19.91 -9.54
CA ASN A 43 -20.47 19.31 -10.63
C ASN A 43 -20.14 17.87 -10.83
N ASP A 44 -18.89 17.51 -10.58
CA ASP A 44 -18.47 16.13 -10.82
C ASP A 44 -18.80 15.24 -9.65
N LYS A 45 -18.91 15.82 -8.45
CA LYS A 45 -18.91 15.08 -7.22
C LYS A 45 -19.89 13.94 -7.16
N HIS A 46 -21.14 14.26 -7.47
CA HIS A 46 -22.18 13.27 -7.32
C HIS A 46 -22.37 12.56 -8.65
N ASN A 47 -21.37 12.64 -9.52
CA ASN A 47 -21.52 12.27 -10.91
C ASN A 47 -20.47 11.34 -11.51
N LEU A 48 -19.66 10.75 -10.64
CA LEU A 48 -18.55 9.99 -11.09
C LEU A 48 -18.73 8.54 -10.77
N GLY A 49 -19.88 8.14 -10.25
CA GLY A 49 -20.08 6.75 -9.90
C GLY A 49 -19.49 6.39 -8.55
N LEU A 50 -19.00 7.37 -7.81
CA LEU A 50 -18.35 7.13 -6.53
C LEU A 50 -19.38 6.76 -5.40
N GLU A 51 -19.04 5.77 -4.57
CA GLU A 51 -19.94 5.33 -3.51
C GLU A 51 -19.87 6.22 -2.27
N LEU A 52 -18.71 6.81 -2.03
CA LEU A 52 -18.50 7.77 -0.94
C LEU A 52 -17.70 8.96 -1.50
N PRO A 53 -18.42 9.86 -2.21
CA PRO A 53 -17.87 10.97 -2.93
C PRO A 53 -16.91 11.83 -2.10
N ASN A 54 -15.71 11.96 -2.64
CA ASN A 54 -14.70 12.74 -1.99
C ASN A 54 -13.50 12.94 -2.87
N LEU A 55 -12.59 13.74 -2.36
CA LEU A 55 -11.28 13.93 -2.93
C LEU A 55 -10.15 13.55 -1.95
N PRO A 56 -9.17 12.73 -2.40
CA PRO A 56 -9.03 12.23 -3.76
C PRO A 56 -9.97 11.09 -4.08
N TYR A 57 -10.24 10.90 -5.36
CA TYR A 57 -10.89 9.70 -5.82
C TYR A 57 -9.97 9.01 -6.78
N TYR A 58 -10.37 7.79 -7.17
CA TYR A 58 -9.57 6.95 -8.01
C TYR A 58 -10.50 6.07 -8.83
N LYS A 59 -10.41 6.11 -10.15
CA LYS A 59 -11.38 5.36 -11.00
C LYS A 59 -10.60 4.55 -12.01
N ASP A 60 -10.92 3.29 -12.11
CA ASP A 60 -10.29 2.43 -13.06
C ASP A 60 -11.38 1.55 -13.67
N GLY A 61 -12.05 2.09 -14.68
CA GLY A 61 -13.13 1.37 -15.32
C GLY A 61 -14.37 1.42 -14.47
N ASN A 62 -14.87 0.23 -14.16
CA ASN A 62 -15.92 -0.07 -13.17
C ASN A 62 -15.55 0.19 -11.73
N PHE A 63 -14.26 0.10 -11.40
CA PHE A 63 -13.81 0.14 -10.03
C PHE A 63 -13.48 1.60 -9.65
N SER A 64 -13.95 2.05 -8.48
CA SER A 64 -13.63 3.37 -8.01
C SER A 64 -13.45 3.35 -6.51
N LEU A 65 -12.68 4.31 -5.98
CA LEU A 65 -12.40 4.41 -4.54
C LEU A 65 -12.30 5.87 -4.18
N THR A 66 -12.63 6.17 -2.94
CA THR A 66 -12.22 7.39 -2.28
C THR A 66 -11.49 6.97 -0.99
N GLN A 67 -11.03 7.98 -0.25
CA GLN A 67 -10.15 7.85 0.89
C GLN A 67 -8.72 7.58 0.48
N SER A 68 -7.87 8.58 0.77
CA SER A 68 -6.51 8.56 0.36
C SER A 68 -5.76 7.33 0.84
N LEU A 69 -6.05 6.82 2.03
CA LEU A 69 -5.29 5.69 2.56
C LEU A 69 -5.74 4.42 1.85
N ALA A 70 -7.00 4.37 1.50
CA ALA A 70 -7.57 3.21 0.79
C ALA A 70 -6.99 3.08 -0.62
N ILE A 71 -6.84 4.21 -1.28
CA ILE A 71 -6.25 4.29 -2.62
C ILE A 71 -4.81 3.87 -2.61
N LEU A 72 -4.11 4.41 -1.63
CA LEU A 72 -2.74 4.09 -1.42
C LEU A 72 -2.60 2.60 -1.08
N ARG A 73 -3.47 2.08 -0.18
CA ARG A 73 -3.39 0.65 0.22
C ARG A 73 -3.82 -0.28 -0.93
N TYR A 74 -4.70 0.22 -1.78
CA TYR A 74 -5.04 -0.55 -2.97
C TYR A 74 -3.86 -0.78 -3.89
N ILE A 75 -3.09 0.27 -4.16
CA ILE A 75 -1.95 0.14 -5.06
C ILE A 75 -0.88 -0.67 -4.40
N ALA A 76 -0.75 -0.43 -3.09
CA ALA A 76 0.28 -1.10 -2.26
C ALA A 76 0.07 -2.60 -2.25
N ASP A 77 -1.17 -2.96 -1.99
CA ASP A 77 -1.67 -4.32 -1.98
C ASP A 77 -1.29 -5.00 -3.29
N LYS A 78 -1.50 -4.35 -4.44
CA LYS A 78 -1.07 -4.94 -5.71
C LYS A 78 0.39 -5.33 -5.73
N HIS A 79 1.22 -4.59 -4.99
CA HIS A 79 2.65 -4.90 -4.93
C HIS A 79 3.05 -5.62 -3.63
N ASN A 80 2.06 -6.22 -2.97
CA ASN A 80 2.24 -6.99 -1.75
C ASN A 80 2.94 -6.20 -0.64
N MET A 81 2.55 -4.94 -0.47
CA MET A 81 3.16 -4.04 0.51
C MET A 81 2.32 -3.88 1.77
N ILE A 82 1.25 -4.64 1.95
CA ILE A 82 0.38 -4.46 3.14
C ILE A 82 0.43 -5.58 4.17
N GLY A 83 1.38 -6.50 4.05
CA GLY A 83 1.51 -7.58 5.03
C GLY A 83 0.81 -8.86 4.62
N ASN A 84 1.24 -9.96 5.22
CA ASN A 84 0.72 -11.30 4.94
C ASN A 84 0.23 -12.13 6.16
N THR A 85 0.33 -11.59 7.37
CA THR A 85 -0.15 -12.24 8.57
C THR A 85 -0.93 -11.21 9.35
N PRO A 86 -1.82 -11.64 10.25
CA PRO A 86 -2.56 -10.62 11.01
C PRO A 86 -1.68 -9.70 11.78
N VAL A 87 -0.58 -10.23 12.24
CA VAL A 87 0.32 -9.44 13.03
C VAL A 87 0.98 -8.38 12.13
N GLU A 88 1.52 -8.82 11.01
CA GLU A 88 2.22 -7.92 10.12
C GLU A 88 1.28 -6.86 9.51
N ARG A 89 0.09 -7.29 9.10
CA ARG A 89 -0.90 -6.37 8.57
C ARG A 89 -1.27 -5.32 9.54
N ALA A 90 -1.39 -5.72 10.79
CA ALA A 90 -1.68 -4.75 11.85
C ALA A 90 -0.55 -3.77 12.04
N LYS A 91 0.67 -4.28 12.10
CA LYS A 91 1.82 -3.47 12.31
C LYS A 91 1.85 -2.35 11.25
N ILE A 92 1.62 -2.73 9.98
CA ILE A 92 1.57 -1.79 8.83
C ILE A 92 0.47 -0.72 9.00
N SER A 93 -0.72 -1.14 9.36
CA SER A 93 -1.83 -0.23 9.66
C SER A 93 -1.49 0.69 10.80
N MET A 94 -0.69 0.26 11.79
CA MET A 94 -0.25 1.15 12.88
C MET A 94 0.68 2.19 12.33
N ILE A 95 1.63 1.74 11.54
CA ILE A 95 2.56 2.65 10.92
C ILE A 95 1.82 3.75 10.13
N GLU A 96 0.89 3.34 9.28
CA GLU A 96 0.10 4.25 8.47
C GLU A 96 -0.60 5.26 9.32
N GLY A 97 -1.20 4.78 10.40
CA GLY A 97 -1.95 5.63 11.32
C GLY A 97 -1.03 6.70 11.90
N GLY A 98 0.17 6.28 12.30
CA GLY A 98 1.13 7.24 12.90
C GLY A 98 1.57 8.22 11.84
N LEU A 99 1.80 7.76 10.63
CA LEU A 99 2.15 8.66 9.52
C LEU A 99 1.01 9.62 9.18
N VAL A 100 -0.22 9.17 9.25
CA VAL A 100 -1.34 10.05 9.05
C VAL A 100 -1.34 11.18 10.07
N ASP A 101 -1.14 10.82 11.33
CA ASP A 101 -0.95 11.81 12.40
C ASP A 101 0.25 12.74 12.17
N LEU A 102 1.36 12.20 11.74
CA LEU A 102 2.55 13.01 11.52
C LEU A 102 2.26 14.14 10.55
N ARG A 103 1.67 13.78 9.41
CA ARG A 103 1.20 14.77 8.44
C ARG A 103 0.13 15.69 8.96
N ALA A 104 -0.87 15.13 9.61
CA ALA A 104 -2.01 15.92 10.01
C ALA A 104 -1.65 16.96 11.06
N GLY A 105 -0.52 16.78 11.75
CA GLY A 105 -0.09 17.71 12.79
C GLY A 105 0.12 19.09 12.19
N VAL A 106 0.85 19.13 11.11
CA VAL A 106 1.02 20.30 10.29
C VAL A 106 -0.32 20.85 9.81
N SER A 107 -1.18 20.02 9.23
CA SER A 107 -2.48 20.49 8.78
C SER A 107 -3.33 21.08 9.85
N ARG A 108 -3.18 20.64 11.09
CA ARG A 108 -4.10 21.08 12.15
C ARG A 108 -3.88 22.55 12.48
N ILE A 109 -2.64 23.03 12.38
CA ILE A 109 -2.34 24.42 12.67
C ILE A 109 -2.17 25.36 11.45
N ALA A 110 -2.20 24.81 10.25
CA ALA A 110 -1.82 25.59 9.07
C ALA A 110 -2.95 26.47 8.52
N TYR A 111 -4.20 26.23 8.91
CA TYR A 111 -5.31 26.96 8.32
C TYR A 111 -5.81 28.15 9.11
N GLN A 112 -5.31 28.35 10.33
CA GLN A 112 -5.70 29.53 11.10
C GLN A 112 -4.61 30.58 11.19
N GLU A 113 -5.10 31.81 11.43
CA GLU A 113 -4.29 33.04 11.49
C GLU A 113 -3.15 32.96 12.46
N THR A 114 -3.41 32.29 13.59
CA THR A 114 -2.49 32.28 14.71
C THR A 114 -1.39 31.25 14.56
N PHE A 115 -1.25 30.76 13.33
CA PHE A 115 -0.30 29.74 13.03
C PHE A 115 1.05 30.04 13.67
N GLU A 116 1.53 31.28 13.58
CA GLU A 116 2.83 31.63 14.18
C GLU A 116 2.81 31.48 15.72
N GLN A 117 1.65 31.67 16.36
CA GLN A 117 1.55 31.33 17.81
C GLN A 117 1.60 29.84 18.04
N LEU A 118 0.74 29.13 17.31
CA LEU A 118 0.63 27.67 17.40
C LEU A 118 1.91 26.97 17.01
N LYS A 119 2.68 27.57 16.12
CA LYS A 119 3.93 26.99 15.71
C LYS A 119 4.84 26.74 16.94
N VAL A 120 4.69 27.56 17.98
CA VAL A 120 5.65 27.56 19.06
C VAL A 120 5.51 26.28 19.88
N PRO A 121 4.28 25.97 20.34
CA PRO A 121 4.14 24.71 21.06
C PRO A 121 4.38 23.52 20.13
N TYR A 122 3.92 23.63 18.88
CA TYR A 122 4.15 22.58 17.91
C TYR A 122 5.63 22.19 17.93
N LEU A 123 6.54 23.17 17.79
CA LEU A 123 7.97 22.86 17.75
C LEU A 123 8.51 22.40 19.10
N GLN A 124 7.86 22.78 20.19
CA GLN A 124 8.27 22.22 21.48
C GLN A 124 8.04 20.73 21.44
N GLN A 125 6.89 20.33 20.94
CA GLN A 125 6.52 18.90 20.84
C GLN A 125 7.33 18.12 19.82
N LEU A 126 7.69 18.76 18.70
CA LEU A 126 8.12 18.00 17.54
C LEU A 126 9.31 17.06 17.80
N PRO A 127 10.28 17.46 18.65
CA PRO A 127 11.48 16.62 18.67
C PRO A 127 11.24 15.26 19.25
N SER A 128 10.26 15.13 20.12
CA SER A 128 10.01 13.80 20.65
C SER A 128 9.29 12.99 19.58
N THR A 129 8.36 13.63 18.88
CA THR A 129 7.67 12.97 17.76
C THR A 129 8.69 12.46 16.74
N LEU A 130 9.61 13.34 16.33
CA LEU A 130 10.64 12.95 15.41
C LEU A 130 11.56 11.88 15.95
N ARG A 131 11.88 11.94 17.23
CA ARG A 131 12.73 10.97 17.88
C ARG A 131 12.10 9.58 17.79
N MET A 132 10.83 9.52 18.15
CA MET A 132 9.99 8.34 17.93
C MET A 132 10.16 7.80 16.51
N TRP A 133 9.96 8.64 15.51
CA TRP A 133 10.12 8.16 14.14
C TRP A 133 11.52 7.71 13.77
N SER A 134 12.54 8.39 14.28
CA SER A 134 13.93 7.99 14.00
C SER A 134 14.36 6.72 14.72
N GLN A 135 13.79 6.45 15.89
CA GLN A 135 14.10 5.20 16.55
C GLN A 135 13.38 4.09 15.85
N PHE A 136 12.17 4.34 15.37
CA PHE A 136 11.44 3.30 14.65
C PHE A 136 12.12 2.95 13.35
N LEU A 137 12.54 3.95 12.59
CA LEU A 137 13.34 3.65 11.42
C LEU A 137 14.67 2.97 11.74
N GLY A 138 15.41 3.51 12.71
CA GLY A 138 16.62 2.82 13.18
C GLY A 138 17.64 2.82 12.04
N ASN A 139 18.39 1.76 11.85
CA ASN A 139 19.35 1.62 10.71
C ASN A 139 18.78 1.02 9.37
N ASN A 140 17.47 0.79 9.29
CA ASN A 140 16.87 0.28 8.04
C ASN A 140 16.77 1.35 6.93
N SER A 141 16.82 0.92 5.67
CA SER A 141 16.58 1.82 4.57
C SER A 141 15.13 2.28 4.51
N TYR A 142 14.21 1.38 4.91
CA TYR A 142 12.79 1.67 4.77
C TYR A 142 12.04 1.32 6.06
N LEU A 143 10.85 1.84 6.21
CA LEU A 143 10.07 1.68 7.43
C LEU A 143 9.65 0.24 7.72
N HIS A 144 9.42 -0.55 6.66
CA HIS A 144 9.00 -1.95 6.77
C HIS A 144 9.60 -2.77 5.67
N GLY A 145 10.15 -3.91 6.02
CA GLY A 145 10.81 -4.77 5.05
C GLY A 145 12.00 -4.10 4.45
N SER A 146 12.47 -4.58 3.32
CA SER A 146 13.73 -4.03 2.76
C SER A 146 13.64 -3.32 1.42
N THR A 147 12.43 -2.99 0.93
CA THR A 147 12.28 -2.18 -0.28
C THR A 147 11.24 -1.10 -0.03
N PRO A 148 11.17 -0.07 -0.91
CA PRO A 148 10.24 1.03 -0.61
C PRO A 148 8.83 0.53 -0.63
N THR A 149 7.99 1.06 0.24
CA THR A 149 6.53 0.74 0.27
C THR A 149 5.82 2.05 0.37
N HIS A 150 4.50 2.01 0.43
CA HIS A 150 3.72 3.24 0.51
C HIS A 150 3.96 3.96 1.80
N LEU A 151 4.29 3.24 2.87
CA LEU A 151 4.64 3.90 4.11
C LEU A 151 5.78 4.88 3.88
N ASP A 152 6.78 4.45 3.11
CA ASP A 152 7.93 5.34 2.84
C ASP A 152 7.64 6.63 2.13
N PHE A 153 6.74 6.59 1.14
CA PHE A 153 6.24 7.81 0.53
C PHE A 153 5.36 8.65 1.39
N MET A 154 4.54 8.02 2.22
CA MET A 154 3.83 8.78 3.24
C MET A 154 4.82 9.56 4.10
N PHE A 155 5.83 8.85 4.60
CA PHE A 155 6.81 9.37 5.55
C PHE A 155 7.70 10.46 4.94
N TYR A 156 8.13 10.22 3.73
CA TYR A 156 8.89 11.21 2.96
C TYR A 156 8.11 12.54 2.83
N GLU A 157 6.88 12.47 2.38
CA GLU A 157 6.10 13.66 2.21
C GLU A 157 5.98 14.39 3.52
N ALA A 158 5.66 13.69 4.59
CA ALA A 158 5.47 14.31 5.88
C ALA A 158 6.73 15.05 6.33
N LEU A 159 7.83 14.31 6.30
CA LEU A 159 9.13 14.87 6.59
C LEU A 159 9.43 16.10 5.75
N ASP A 160 9.19 16.02 4.45
CA ASP A 160 9.50 17.13 3.57
C ASP A 160 8.67 18.34 3.91
N VAL A 161 7.38 18.13 4.17
CA VAL A 161 6.52 19.23 4.61
C VAL A 161 7.06 19.82 5.91
N ILE A 162 7.48 18.97 6.83
CA ILE A 162 7.88 19.42 8.14
C ILE A 162 9.24 20.12 8.14
N ARG A 163 10.21 19.59 7.38
CA ARG A 163 11.48 20.26 7.10
C ARG A 163 11.22 21.67 6.60
N TYR A 164 10.22 21.83 5.76
CA TYR A 164 9.95 23.16 5.29
C TYR A 164 9.55 24.08 6.43
N LEU A 165 8.73 23.59 7.33
CA LEU A 165 8.26 24.38 8.41
C LEU A 165 9.42 24.81 9.30
N ASP A 166 10.34 23.89 9.59
CA ASP A 166 11.52 24.18 10.34
C ASP A 166 12.72 23.28 10.02
N PRO A 167 13.58 23.76 9.09
CA PRO A 167 14.61 22.91 8.49
C PRO A 167 15.51 22.19 9.48
N THR A 168 15.77 22.79 10.63
CA THR A 168 16.74 22.25 11.62
C THR A 168 16.11 21.11 12.45
N SER A 169 14.82 21.20 12.71
CA SER A 169 14.16 20.14 13.45
C SER A 169 14.47 18.74 12.86
N VAL A 170 14.30 18.59 11.57
CA VAL A 170 14.48 17.27 10.93
C VAL A 170 15.94 17.01 10.76
N GLU A 171 16.67 18.08 10.45
CA GLU A 171 18.13 18.04 10.26
C GLU A 171 18.89 17.48 11.45
N ALA A 172 18.30 17.49 12.65
CA ALA A 172 18.96 16.94 13.83
C ALA A 172 19.02 15.42 13.91
N PHE A 173 18.31 14.73 13.03
CA PHE A 173 18.36 13.27 13.03
C PHE A 173 18.95 12.78 11.72
N PRO A 174 20.23 12.39 11.73
CA PRO A 174 20.89 11.95 10.52
C PRO A 174 20.05 10.94 9.74
N ASN A 175 19.43 9.97 10.41
CA ASN A 175 18.80 8.90 9.65
C ASN A 175 17.57 9.39 8.89
N LEU A 176 16.93 10.47 9.36
CA LEU A 176 15.80 10.97 8.68
C LEU A 176 16.27 11.71 7.46
N MET A 177 17.40 12.38 7.59
CA MET A 177 17.89 13.18 6.48
C MET A 177 18.33 12.21 5.38
N GLN A 178 19.04 11.17 5.75
CA GLN A 178 19.50 10.20 4.80
C GLN A 178 18.36 9.46 4.17
N PHE A 179 17.25 9.38 4.88
CA PHE A 179 16.05 8.81 4.34
C PHE A 179 15.48 9.68 3.20
N ILE A 180 15.35 10.98 3.51
CA ILE A 180 14.86 11.97 2.55
C ILE A 180 15.64 11.90 1.27
N HIS A 181 16.95 11.84 1.39
CA HIS A 181 17.80 11.73 0.24
C HIS A 181 17.64 10.36 -0.41
N ARG A 182 17.45 9.32 0.39
CA ARG A 182 17.29 7.97 -0.19
C ARG A 182 16.11 7.91 -1.19
N ILE A 183 14.99 8.52 -0.79
CA ILE A 183 13.80 8.51 -1.59
C ILE A 183 13.92 9.38 -2.83
N GLU A 184 14.49 10.59 -2.65
CA GLU A 184 14.72 11.53 -3.74
C GLU A 184 15.68 10.89 -4.75
N ALA A 185 16.52 9.96 -4.30
CA ALA A 185 17.44 9.31 -5.24
C ALA A 185 16.80 8.18 -6.02
N LEU A 186 15.62 7.73 -5.61
CA LEU A 186 15.02 6.61 -6.31
C LEU A 186 14.74 7.04 -7.75
N PRO A 187 15.28 6.33 -8.70
CA PRO A 187 15.25 6.89 -10.06
C PRO A 187 13.89 7.29 -10.58
N ASN A 188 12.86 6.49 -10.36
CA ASN A 188 11.54 6.92 -10.82
C ASN A 188 11.05 8.10 -10.01
N ILE A 189 11.56 8.27 -8.79
CA ILE A 189 11.10 9.41 -7.97
C ILE A 189 11.78 10.70 -8.49
N LYS A 190 13.07 10.58 -8.77
CA LYS A 190 13.90 11.66 -9.28
C LYS A 190 13.37 12.16 -10.60
N ALA A 191 13.06 11.22 -11.48
CA ALA A 191 12.50 11.57 -12.80
C ALA A 191 11.19 12.28 -12.63
N PHE A 192 10.33 11.73 -11.78
CA PHE A 192 9.06 12.33 -11.51
C PHE A 192 9.26 13.74 -11.02
N MET A 193 10.13 13.90 -10.02
CA MET A 193 10.32 15.18 -9.34
C MET A 193 10.91 16.22 -10.27
N GLU A 194 11.73 15.78 -11.18
CA GLU A 194 12.22 16.63 -12.25
C GLU A 194 11.24 16.86 -13.41
N SER A 195 10.06 16.26 -13.40
CA SER A 195 9.14 16.36 -14.56
C SER A 195 8.20 17.55 -14.50
N ASP A 196 7.61 17.80 -15.66
CA ASP A 196 6.51 18.72 -15.86
C ASP A 196 5.36 18.50 -14.90
N ARG A 197 5.03 17.24 -14.64
CA ARG A 197 3.87 16.80 -13.79
C ARG A 197 3.90 17.25 -12.33
N PHE A 198 5.09 17.15 -11.76
CA PHE A 198 5.34 17.33 -10.34
C PHE A 198 4.75 18.60 -9.80
N ILE A 199 4.13 18.53 -8.64
CA ILE A 199 3.55 19.67 -8.01
C ILE A 199 4.35 19.98 -6.76
N LYS A 200 5.22 21.00 -6.80
CA LYS A 200 6.08 21.37 -5.67
C LYS A 200 5.34 22.11 -4.62
N TRP A 201 4.28 22.80 -5.01
CA TRP A 201 3.62 23.76 -4.15
C TRP A 201 2.20 23.95 -4.66
N PRO A 202 1.23 24.13 -3.76
CA PRO A 202 1.32 24.23 -2.31
C PRO A 202 1.39 22.89 -1.57
N LEU A 203 1.84 22.95 -0.31
CA LEU A 203 1.99 21.80 0.56
C LEU A 203 0.61 21.47 1.06
N ASN A 204 -0.12 22.51 1.47
CA ASN A 204 -1.49 22.35 1.93
C ASN A 204 -2.45 22.98 0.95
N GLY A 205 -3.73 23.09 1.32
CA GLY A 205 -4.73 23.82 0.53
C GLY A 205 -4.27 25.26 0.30
N TRP A 206 -4.71 25.89 -0.78
CA TRP A 206 -4.19 27.20 -1.13
C TRP A 206 -4.44 28.24 -0.03
N SER A 207 -5.46 28.01 0.78
CA SER A 207 -5.91 29.00 1.74
C SER A 207 -5.17 28.91 3.04
N ALA A 208 -4.11 28.12 3.05
CA ALA A 208 -3.35 27.90 4.29
C ALA A 208 -2.36 29.04 4.56
N TYR A 209 -2.29 29.45 5.82
CA TYR A 209 -1.31 30.45 6.24
C TYR A 209 0.09 29.88 6.21
N PHE A 210 0.21 28.56 6.38
CA PHE A 210 1.49 27.88 6.14
C PHE A 210 1.29 26.78 5.11
N GLY A 211 2.22 26.65 4.17
CA GLY A 211 2.10 25.65 3.10
C GLY A 211 1.13 25.98 1.98
N GLY A 212 0.50 27.14 2.07
CA GLY A 212 -0.52 27.53 1.11
C GLY A 212 0.03 28.56 0.15
N GLY A 213 -0.87 29.17 -0.65
CA GLY A 213 -0.50 30.12 -1.67
C GLY A 213 -0.09 29.49 -3.00
N ASP A 214 0.05 30.32 -4.04
CA ASP A 214 0.50 29.82 -5.34
C ASP A 214 1.98 29.53 -5.39
N ALA A 215 2.76 30.11 -4.49
CA ALA A 215 4.19 29.91 -4.49
C ALA A 215 4.71 30.15 -3.10
N PRO A 216 5.94 29.69 -2.81
CA PRO A 216 6.53 29.81 -1.45
C PRO A 216 6.94 31.26 -1.05
N PRO A 217 6.92 31.59 0.26
CA PRO A 217 6.91 33.00 0.70
C PRO A 217 8.23 33.76 0.53
N MET B 1 -2.36 -13.27 31.33
CA MET B 1 -2.99 -14.13 30.27
C MET B 1 -3.77 -13.30 29.22
N ALA B 2 -4.70 -12.47 29.67
CA ALA B 2 -5.61 -11.73 28.78
C ALA B 2 -4.92 -10.52 28.11
N PRO B 3 -5.28 -10.24 26.85
CA PRO B 3 -4.80 -9.00 26.27
C PRO B 3 -5.42 -7.79 26.93
N VAL B 4 -4.68 -6.70 26.85
CA VAL B 4 -4.98 -5.45 27.49
C VAL B 4 -5.30 -4.35 26.45
N LEU B 5 -6.46 -3.73 26.55
CA LEU B 5 -6.73 -2.50 25.85
C LEU B 5 -6.60 -1.37 26.86
N GLY B 6 -5.83 -0.37 26.48
CA GLY B 6 -5.59 0.76 27.32
C GLY B 6 -6.12 2.02 26.66
N TYR B 7 -6.87 2.79 27.43
CA TYR B 7 -7.40 4.05 26.94
C TYR B 7 -7.95 4.88 28.08
N TRP B 8 -8.08 6.19 27.85
CA TRP B 8 -8.91 7.05 28.69
C TRP B 8 -10.25 6.40 28.91
N LYS B 9 -10.84 6.66 30.06
CA LYS B 9 -12.11 6.06 30.43
C LYS B 9 -13.21 6.86 29.80
N ILE B 10 -13.23 6.85 28.48
CA ILE B 10 -14.25 7.63 27.72
C ILE B 10 -14.68 6.75 26.57
N ARG B 11 -15.73 7.13 25.85
CA ARG B 11 -16.06 6.43 24.61
C ARG B 11 -15.03 6.67 23.51
N GLY B 12 -15.07 7.81 22.87
CA GLY B 12 -13.96 8.23 22.01
C GLY B 12 -13.58 7.25 20.89
N LEU B 13 -12.29 7.18 20.65
CA LEU B 13 -11.70 6.29 19.67
C LEU B 13 -11.77 4.80 20.01
N ALA B 14 -11.86 4.45 21.30
CA ALA B 14 -11.90 3.05 21.76
C ALA B 14 -13.26 2.44 21.71
N GLN B 15 -14.33 3.19 21.74
CA GLN B 15 -15.61 2.49 21.83
C GLN B 15 -15.84 1.39 20.77
N PRO B 16 -15.44 1.62 19.52
CA PRO B 16 -15.76 0.55 18.54
C PRO B 16 -14.89 -0.69 18.71
N ILE B 17 -13.71 -0.49 19.27
CA ILE B 17 -12.87 -1.58 19.62
C ILE B 17 -13.61 -2.39 20.66
N ARG B 18 -13.95 -1.74 21.77
CA ARG B 18 -14.64 -2.41 22.86
C ARG B 18 -15.89 -3.13 22.29
N LEU B 19 -16.65 -2.45 21.47
CA LEU B 19 -17.83 -3.09 20.91
C LEU B 19 -17.45 -4.37 20.11
N LEU B 20 -16.39 -4.29 19.34
CA LEU B 20 -16.00 -5.42 18.50
C LEU B 20 -15.53 -6.58 19.37
N LEU B 21 -14.60 -6.27 20.30
CA LEU B 21 -14.17 -7.23 21.31
C LEU B 21 -15.30 -7.91 22.02
N GLU B 22 -16.36 -7.18 22.37
CA GLU B 22 -17.44 -7.77 23.18
C GLU B 22 -18.36 -8.58 22.31
N TYR B 23 -18.44 -8.19 21.04
CA TYR B 23 -19.25 -8.94 20.06
C TYR B 23 -18.70 -10.32 19.74
N VAL B 24 -17.39 -10.41 19.50
CA VAL B 24 -16.78 -11.70 19.14
C VAL B 24 -16.37 -12.55 20.36
N GLY B 25 -16.34 -11.95 21.54
CA GLY B 25 -15.86 -12.65 22.72
C GLY B 25 -14.34 -12.77 22.83
N HIS B 26 -13.52 -12.07 22.01
CA HIS B 26 -11.99 -12.04 22.17
C HIS B 26 -11.82 -11.46 23.61
N SER B 27 -11.65 -12.35 24.60
CA SER B 27 -11.46 -12.01 26.02
C SER B 27 -10.35 -10.96 26.27
N TYR B 28 -10.58 -10.02 27.17
CA TYR B 28 -9.63 -8.91 27.35
C TYR B 28 -9.79 -8.17 28.67
N GLU B 29 -8.72 -7.52 29.12
CA GLU B 29 -8.74 -6.62 30.28
C GLU B 29 -8.50 -5.23 29.77
N GLU B 30 -9.03 -4.24 30.47
CA GLU B 30 -9.00 -2.88 30.00
C GLU B 30 -8.24 -1.97 30.99
N HIS B 31 -7.04 -1.52 30.66
CA HIS B 31 -6.32 -0.60 31.54
C HIS B 31 -6.81 0.83 31.27
N SER B 32 -7.56 1.32 32.23
CA SER B 32 -8.37 2.52 32.10
C SER B 32 -7.61 3.68 32.71
N TYR B 33 -7.61 4.82 32.01
CA TYR B 33 -7.02 6.07 32.49
C TYR B 33 -8.19 7.01 32.73
N GLY B 34 -8.27 7.51 33.95
CA GLY B 34 -9.37 8.35 34.37
C GLY B 34 -9.04 9.79 34.09
N ARG B 35 -10.03 10.62 34.34
CA ARG B 35 -9.90 12.06 34.08
C ARG B 35 -8.65 12.67 34.68
N CYS B 36 -8.27 12.19 35.86
CA CYS B 36 -7.17 12.80 36.56
C CYS B 36 -5.91 11.93 36.46
N ASP B 37 -5.88 10.96 35.55
CA ASP B 37 -4.67 10.14 35.38
C ASP B 37 -3.63 10.61 34.34
N GLY B 38 -3.71 11.85 33.87
CA GLY B 38 -2.68 12.38 32.97
C GLY B 38 -1.25 11.95 33.33
N GLU B 39 -0.89 12.07 34.60
CA GLU B 39 0.48 11.79 35.02
C GLU B 39 0.81 10.33 34.97
N LYS B 40 -0.10 9.51 35.49
CA LYS B 40 -0.06 8.07 35.29
C LYS B 40 0.41 7.73 33.85
N TRP B 41 -0.35 8.23 32.87
CA TRP B 41 -0.15 7.85 31.49
C TRP B 41 1.24 8.26 31.06
N GLN B 42 1.57 9.52 31.34
CA GLN B 42 2.86 10.08 30.93
C GLN B 42 3.99 9.18 31.32
N ASN B 43 3.81 8.52 32.48
CA ASN B 43 4.85 7.69 33.07
C ASN B 43 4.90 6.28 32.51
N ASP B 44 3.75 5.72 32.11
CA ASP B 44 3.75 4.39 31.45
C ASP B 44 4.20 4.55 29.98
N LYS B 45 3.71 5.60 29.36
CA LYS B 45 3.94 5.89 27.97
C LYS B 45 5.16 5.17 27.37
N HIS B 46 6.35 5.42 27.92
CA HIS B 46 7.58 4.88 27.32
C HIS B 46 8.10 3.60 27.92
N ASN B 47 7.36 3.01 28.83
CA ASN B 47 7.77 1.77 29.47
C ASN B 47 6.69 0.73 29.37
N LEU B 48 5.96 0.70 28.24
CA LEU B 48 5.04 -0.40 27.94
C LEU B 48 5.47 -1.22 26.72
N GLY B 49 6.62 -0.92 26.17
CA GLY B 49 7.14 -1.67 25.03
C GLY B 49 6.54 -1.25 23.70
N LEU B 50 5.94 -0.05 23.66
CA LEU B 50 5.26 0.45 22.48
C LEU B 50 6.23 1.03 21.47
N GLU B 51 6.25 0.52 20.24
CA GLU B 51 7.07 1.08 19.17
C GLU B 51 6.69 2.54 18.80
N LEU B 52 5.39 2.86 18.87
CA LEU B 52 4.87 4.19 18.54
C LEU B 52 3.85 4.57 19.57
N PRO B 53 4.33 4.99 20.78
CA PRO B 53 3.50 5.18 21.99
C PRO B 53 2.33 6.15 21.79
N ASN B 54 1.18 5.79 22.33
CA ASN B 54 -0.02 6.50 22.05
C ASN B 54 -1.19 5.81 22.72
N LEU B 55 -2.31 6.53 22.84
CA LEU B 55 -3.58 5.97 23.32
C LEU B 55 -4.66 5.98 22.22
N PRO B 56 -5.28 4.84 21.92
CA PRO B 56 -5.25 3.58 22.61
C PRO B 56 -4.07 2.71 22.31
N TYR B 57 -3.83 1.72 23.20
CA TYR B 57 -2.89 0.62 22.95
C TYR B 57 -3.52 -0.72 23.24
N TYR B 58 -2.86 -1.77 22.76
CA TYR B 58 -3.30 -3.14 22.84
C TYR B 58 -2.07 -3.94 23.04
N LYS B 59 -1.97 -4.62 24.18
CA LYS B 59 -0.84 -5.51 24.50
C LYS B 59 -1.35 -6.92 24.65
N ASP B 60 -0.66 -7.84 24.01
CA ASP B 60 -1.01 -9.24 24.03
C ASP B 60 0.31 -9.98 24.04
N GLY B 61 0.89 -10.11 25.22
CA GLY B 61 2.12 -10.83 25.35
C GLY B 61 3.21 -9.94 24.84
N ASN B 62 3.95 -10.45 23.87
CA ASN B 62 5.07 -9.73 23.25
C ASN B 62 4.59 -8.73 22.15
N PHE B 63 3.34 -8.88 21.75
CA PHE B 63 2.80 -8.14 20.66
C PHE B 63 2.10 -6.90 21.15
N SER B 64 2.37 -5.80 20.51
CA SER B 64 1.61 -4.62 20.89
C SER B 64 1.34 -3.76 19.68
N LEU B 65 0.32 -2.91 19.82
CA LEU B 65 -0.10 -2.00 18.81
C LEU B 65 -0.53 -0.67 19.39
N THR B 66 -0.41 0.34 18.55
CA THR B 66 -1.13 1.60 18.72
C THR B 66 -1.87 1.95 17.44
N GLN B 67 -2.57 3.06 17.47
CA GLN B 67 -3.50 3.40 16.40
C GLN B 67 -4.80 2.64 16.51
N SER B 68 -5.83 3.39 16.87
CA SER B 68 -7.15 2.83 17.05
C SER B 68 -7.65 1.97 15.85
N LEU B 69 -7.32 2.37 14.63
CA LEU B 69 -7.85 1.66 13.49
C LEU B 69 -7.03 0.39 13.33
N ALA B 70 -5.76 0.45 13.71
CA ALA B 70 -4.87 -0.67 13.59
C ALA B 70 -5.26 -1.75 14.58
N ILE B 71 -5.62 -1.33 15.78
CA ILE B 71 -6.10 -2.30 16.78
C ILE B 71 -7.43 -2.94 16.33
N LEU B 72 -8.36 -2.07 15.97
CA LEU B 72 -9.62 -2.49 15.42
C LEU B 72 -9.44 -3.55 14.34
N ARG B 73 -8.61 -3.23 13.32
CA ARG B 73 -8.31 -4.15 12.19
C ARG B 73 -7.59 -5.40 12.62
N TYR B 74 -6.78 -5.30 13.66
CA TYR B 74 -6.11 -6.53 14.15
C TYR B 74 -7.17 -7.52 14.62
N ILE B 75 -8.09 -7.06 15.44
CA ILE B 75 -9.15 -7.96 15.90
C ILE B 75 -10.04 -8.47 14.78
N ALA B 76 -10.35 -7.58 13.87
CA ALA B 76 -11.26 -7.88 12.81
C ALA B 76 -10.63 -8.90 11.88
N ASP B 77 -9.35 -8.69 11.59
CA ASP B 77 -8.55 -9.60 10.78
C ASP B 77 -8.61 -10.99 11.38
N LYS B 78 -8.32 -11.12 12.68
CA LYS B 78 -8.46 -12.42 13.31
C LYS B 78 -9.84 -13.03 13.10
N HIS B 79 -10.87 -12.26 12.84
CA HIS B 79 -12.19 -12.83 12.61
C HIS B 79 -12.72 -12.69 11.22
N ASN B 80 -11.81 -12.59 10.28
CA ASN B 80 -12.10 -12.57 8.85
C ASN B 80 -12.98 -11.42 8.43
N MET B 81 -12.73 -10.20 8.90
CA MET B 81 -13.57 -9.06 8.56
C MET B 81 -12.93 -7.95 7.73
N ILE B 82 -11.73 -8.14 7.23
CA ILE B 82 -11.03 -7.09 6.51
C ILE B 82 -10.93 -7.39 5.04
N GLY B 83 -11.63 -8.40 4.58
CA GLY B 83 -11.71 -8.72 3.18
C GLY B 83 -10.76 -9.78 2.75
N ASN B 84 -11.04 -10.38 1.60
CA ASN B 84 -10.22 -11.45 1.02
C ASN B 84 -9.64 -11.29 -0.37
N THR B 85 -9.93 -10.19 -1.07
CA THR B 85 -9.34 -9.91 -2.36
C THR B 85 -8.84 -8.50 -2.30
N PRO B 86 -8.03 -8.07 -3.25
CA PRO B 86 -7.55 -6.69 -3.13
C PRO B 86 -8.66 -5.66 -3.27
N VAL B 87 -9.63 -5.93 -4.14
CA VAL B 87 -10.76 -5.10 -4.27
C VAL B 87 -11.56 -4.97 -2.97
N GLU B 88 -11.84 -6.09 -2.32
CA GLU B 88 -12.69 -6.10 -1.16
C GLU B 88 -11.94 -5.43 -0.02
N ARG B 89 -10.67 -5.74 0.09
CA ARG B 89 -9.85 -5.10 1.10
C ARG B 89 -9.87 -3.62 0.97
N ALA B 90 -9.79 -3.18 -0.29
CA ALA B 90 -9.70 -1.76 -0.56
C ALA B 90 -11.02 -1.05 -0.26
N LYS B 91 -12.14 -1.65 -0.61
CA LYS B 91 -13.44 -1.09 -0.24
C LYS B 91 -13.61 -1.01 1.24
N ILE B 92 -13.18 -2.03 1.97
CA ILE B 92 -13.29 -1.99 3.42
C ILE B 92 -12.48 -0.83 4.00
N SER B 93 -11.28 -0.56 3.46
CA SER B 93 -10.45 0.51 3.91
C SER B 93 -11.07 1.84 3.56
N MET B 94 -11.83 1.89 2.45
CA MET B 94 -12.53 3.09 2.04
C MET B 94 -13.63 3.37 3.03
N ILE B 95 -14.35 2.33 3.39
CA ILE B 95 -15.48 2.53 4.30
C ILE B 95 -14.94 3.00 5.65
N GLU B 96 -13.89 2.33 6.15
CA GLU B 96 -13.21 2.80 7.37
C GLU B 96 -12.91 4.32 7.33
N GLY B 97 -12.34 4.76 6.23
CA GLY B 97 -11.82 6.14 6.13
C GLY B 97 -13.01 7.09 6.23
N GLY B 98 -14.10 6.72 5.57
CA GLY B 98 -15.31 7.53 5.58
C GLY B 98 -15.87 7.58 6.97
N LEU B 99 -15.81 6.44 7.66
CA LEU B 99 -16.37 6.36 9.04
C LEU B 99 -15.55 7.14 10.05
N VAL B 100 -14.22 7.12 9.93
CA VAL B 100 -13.33 7.93 10.78
C VAL B 100 -13.61 9.41 10.55
N ASP B 101 -13.88 9.76 9.27
CA ASP B 101 -14.23 11.14 8.91
C ASP B 101 -15.53 11.49 9.57
N LEU B 102 -16.50 10.57 9.57
CA LEU B 102 -17.80 10.87 10.13
C LEU B 102 -17.71 11.09 11.66
N ARG B 103 -16.94 10.26 12.34
CA ARG B 103 -16.74 10.46 13.79
C ARG B 103 -15.94 11.75 14.03
N ALA B 104 -14.97 12.04 13.21
CA ALA B 104 -14.11 13.19 13.42
C ALA B 104 -14.81 14.48 13.18
N GLY B 105 -15.84 14.50 12.36
CA GLY B 105 -16.58 15.75 12.18
C GLY B 105 -17.11 16.30 13.50
N VAL B 106 -17.48 15.41 14.41
CA VAL B 106 -17.92 15.83 15.73
C VAL B 106 -16.74 16.30 16.53
N SER B 107 -15.69 15.50 16.56
CA SER B 107 -14.54 15.81 17.37
C SER B 107 -13.88 17.15 16.99
N ARG B 108 -13.84 17.46 15.68
CA ARG B 108 -13.21 18.68 15.17
C ARG B 108 -13.85 19.97 15.71
N ILE B 109 -15.11 19.94 16.15
CA ILE B 109 -15.75 21.15 16.75
C ILE B 109 -16.11 21.09 18.25
N ALA B 110 -16.09 19.89 18.84
CA ALA B 110 -16.70 19.62 20.16
C ALA B 110 -15.86 20.16 21.28
N TYR B 111 -14.60 20.44 20.98
CA TYR B 111 -13.67 20.81 22.02
C TYR B 111 -13.57 22.32 22.11
N GLN B 112 -14.17 23.02 21.16
CA GLN B 112 -14.09 24.49 21.10
C GLN B 112 -15.22 25.20 21.81
N GLU B 113 -14.84 26.10 22.70
CA GLU B 113 -15.71 27.06 23.38
C GLU B 113 -16.85 27.51 22.48
N THR B 114 -16.45 27.93 21.31
CA THR B 114 -17.29 28.31 20.21
C THR B 114 -18.18 27.16 19.58
N PHE B 115 -18.32 26.03 20.28
CA PHE B 115 -19.09 24.88 19.72
C PHE B 115 -20.53 25.23 19.21
N GLU B 116 -21.29 26.02 19.97
CA GLU B 116 -22.66 26.33 19.57
C GLU B 116 -22.77 27.14 18.25
N GLN B 117 -21.77 27.93 17.94
CA GLN B 117 -21.74 28.63 16.65
C GLN B 117 -21.36 27.68 15.54
N LEU B 118 -20.32 26.88 15.78
CA LEU B 118 -19.81 25.89 14.81
C LEU B 118 -20.81 24.77 14.53
N LYS B 119 -21.68 24.53 15.51
CA LYS B 119 -22.78 23.60 15.36
C LYS B 119 -23.67 23.90 14.18
N VAL B 120 -23.81 25.17 13.84
CA VAL B 120 -24.88 25.55 12.93
C VAL B 120 -24.53 25.14 11.52
N PRO B 121 -23.38 25.57 11.00
CA PRO B 121 -22.98 25.02 9.70
C PRO B 121 -22.69 23.50 9.70
N TYR B 122 -22.38 22.92 10.85
CA TYR B 122 -22.15 21.51 10.87
C TYR B 122 -23.49 20.84 10.53
N LEU B 123 -24.55 21.30 11.18
CA LEU B 123 -25.87 20.77 10.95
C LEU B 123 -26.41 21.05 9.61
N GLN B 124 -25.87 22.06 8.92
CA GLN B 124 -26.32 22.34 7.54
C GLN B 124 -25.74 21.37 6.57
N GLN B 125 -24.48 20.99 6.80
CA GLN B 125 -23.79 20.01 5.96
C GLN B 125 -24.22 18.59 6.31
N LEU B 126 -24.51 18.35 7.58
CA LEU B 126 -24.74 16.99 8.05
C LEU B 126 -25.76 16.23 7.22
N PRO B 127 -26.87 16.88 6.86
CA PRO B 127 -27.89 16.05 6.17
C PRO B 127 -27.39 15.42 4.86
N SER B 128 -26.50 16.11 4.20
CA SER B 128 -25.94 15.59 2.96
C SER B 128 -24.99 14.37 3.21
N THR B 129 -24.15 14.44 4.24
CA THR B 129 -23.37 13.31 4.70
C THR B 129 -24.20 12.09 5.11
N LEU B 130 -25.21 12.28 5.92
CA LEU B 130 -26.05 11.16 6.30
C LEU B 130 -26.77 10.51 5.11
N ARG B 131 -27.15 11.33 4.14
CA ARG B 131 -27.75 10.82 2.92
C ARG B 131 -26.79 9.86 2.21
N MET B 132 -25.52 10.28 2.14
CA MET B 132 -24.47 9.46 1.50
C MET B 132 -24.45 8.09 2.19
N TRP B 133 -24.43 8.09 3.53
CA TRP B 133 -24.31 6.86 4.31
C TRP B 133 -25.58 6.07 4.15
N SER B 134 -26.72 6.76 4.18
CA SER B 134 -27.97 6.04 4.08
C SER B 134 -28.04 5.32 2.77
N GLN B 135 -27.63 5.94 1.69
CA GLN B 135 -27.69 5.23 0.35
C GLN B 135 -26.63 4.20 0.18
N PHE B 136 -25.43 4.46 0.67
CA PHE B 136 -24.44 3.42 0.67
C PHE B 136 -24.94 2.12 1.38
N LEU B 137 -25.55 2.24 2.57
CA LEU B 137 -26.09 1.08 3.24
C LEU B 137 -27.31 0.50 2.55
N GLY B 138 -28.20 1.35 2.05
CA GLY B 138 -29.34 0.90 1.26
C GLY B 138 -30.23 -0.01 2.05
N ASN B 139 -30.62 -1.12 1.43
CA ASN B 139 -31.35 -2.24 2.09
C ASN B 139 -30.50 -3.29 2.81
N ASN B 140 -29.19 -3.15 2.81
CA ASN B 140 -28.39 -4.15 3.49
C ASN B 140 -28.49 -3.97 4.99
N SER B 141 -28.28 -5.04 5.74
CA SER B 141 -28.27 -4.99 7.20
C SER B 141 -27.01 -4.36 7.72
N TYR B 142 -25.91 -4.61 7.03
CA TYR B 142 -24.59 -4.22 7.48
C TYR B 142 -23.91 -3.58 6.35
N LEU B 143 -22.90 -2.81 6.66
CA LEU B 143 -22.21 -2.04 5.65
C LEU B 143 -21.50 -2.87 4.61
N HIS B 144 -20.90 -3.96 5.02
CA HIS B 144 -20.21 -4.85 4.11
C HIS B 144 -20.42 -6.33 4.48
N GLY B 145 -20.80 -7.12 3.47
CA GLY B 145 -21.04 -8.54 3.62
C GLY B 145 -22.36 -8.67 4.30
N SER B 146 -22.62 -9.83 4.88
CA SER B 146 -23.94 -10.07 5.45
C SER B 146 -23.91 -10.26 6.96
N THR B 147 -22.75 -10.11 7.58
CA THR B 147 -22.63 -10.18 9.05
C THR B 147 -21.94 -8.92 9.58
N PRO B 148 -22.20 -8.59 10.85
CA PRO B 148 -21.55 -7.47 11.50
C PRO B 148 -20.08 -7.51 11.34
N THR B 149 -19.46 -6.38 11.01
CA THR B 149 -17.99 -6.21 11.07
C THR B 149 -17.59 -5.01 11.92
N HIS B 150 -16.31 -4.82 12.11
CA HIS B 150 -15.82 -3.62 12.75
C HIS B 150 -16.36 -2.35 12.15
N LEU B 151 -16.75 -2.38 10.86
CA LEU B 151 -17.24 -1.18 10.22
C LEU B 151 -18.56 -0.82 10.81
N ASP B 152 -19.38 -1.85 11.07
CA ASP B 152 -20.70 -1.64 11.62
C ASP B 152 -20.64 -1.08 13.04
N PHE B 153 -19.61 -1.40 13.80
CA PHE B 153 -19.49 -0.77 15.13
C PHE B 153 -18.87 0.61 15.09
N MET B 154 -17.96 0.85 14.15
CA MET B 154 -17.50 2.23 13.92
C MET B 154 -18.73 3.13 13.53
N PHE B 155 -19.57 2.59 12.68
CA PHE B 155 -20.68 3.31 12.09
C PHE B 155 -21.73 3.54 13.16
N TYR B 156 -22.04 2.48 13.91
CA TYR B 156 -23.00 2.58 15.04
C TYR B 156 -22.58 3.67 16.04
N GLU B 157 -21.31 3.70 16.40
CA GLU B 157 -20.81 4.64 17.40
C GLU B 157 -20.84 6.05 16.90
N ALA B 158 -20.46 6.25 15.64
CA ALA B 158 -20.50 7.58 15.01
C ALA B 158 -21.91 8.14 14.97
N LEU B 159 -22.88 7.29 14.60
CA LEU B 159 -24.26 7.65 14.51
C LEU B 159 -24.86 7.87 15.88
N ASP B 160 -24.47 7.09 16.86
CA ASP B 160 -25.01 7.30 18.21
C ASP B 160 -24.53 8.67 18.73
N VAL B 161 -23.27 8.98 18.48
CA VAL B 161 -22.76 10.25 18.92
C VAL B 161 -23.46 11.41 18.23
N ILE B 162 -23.76 11.23 16.95
CA ILE B 162 -24.38 12.28 16.14
C ILE B 162 -25.82 12.46 16.53
N ARG B 163 -26.49 11.37 16.86
CA ARG B 163 -27.89 11.41 17.29
C ARG B 163 -27.97 12.21 18.57
N TYR B 164 -26.94 12.06 19.40
CA TYR B 164 -26.97 12.71 20.68
C TYR B 164 -26.88 14.26 20.43
N LEU B 165 -25.93 14.66 19.61
CA LEU B 165 -25.78 16.02 19.17
C LEU B 165 -27.04 16.54 18.47
N ASP B 166 -27.70 15.73 17.68
CA ASP B 166 -28.90 16.16 17.00
C ASP B 166 -29.80 15.04 16.56
N PRO B 167 -30.71 14.63 17.42
CA PRO B 167 -31.40 13.35 17.19
C PRO B 167 -32.07 13.25 15.84
N THR B 168 -32.86 14.26 15.48
CA THR B 168 -33.70 14.20 14.28
C THR B 168 -32.88 14.34 12.97
N SER B 169 -31.63 14.76 13.05
CA SER B 169 -30.75 14.53 11.88
C SER B 169 -30.76 13.06 11.38
N VAL B 170 -30.56 12.15 12.32
CA VAL B 170 -30.47 10.71 12.02
C VAL B 170 -31.84 10.07 11.84
N GLU B 171 -32.80 10.45 12.68
CA GLU B 171 -34.15 9.92 12.54
C GLU B 171 -34.79 10.26 11.21
N ALA B 172 -34.26 11.20 10.43
CA ALA B 172 -34.83 11.41 9.09
C ALA B 172 -34.50 10.27 8.13
N PHE B 173 -33.69 9.31 8.59
CA PHE B 173 -33.30 8.18 7.72
C PHE B 173 -33.64 6.87 8.39
N PRO B 174 -34.81 6.32 8.06
CA PRO B 174 -35.31 5.13 8.70
C PRO B 174 -34.31 3.97 8.66
N ASN B 175 -33.60 3.81 7.55
CA ASN B 175 -32.65 2.72 7.41
C ASN B 175 -31.51 2.89 8.38
N LEU B 176 -31.09 4.13 8.64
CA LEU B 176 -30.10 4.35 9.63
C LEU B 176 -30.64 4.03 11.04
N MET B 177 -31.91 4.34 11.31
CA MET B 177 -32.43 4.03 12.65
C MET B 177 -32.53 2.53 12.87
N GLN B 178 -32.97 1.85 11.82
CA GLN B 178 -33.09 0.40 11.87
C GLN B 178 -31.72 -0.22 12.08
N PHE B 179 -30.70 0.32 11.44
CA PHE B 179 -29.33 -0.14 11.64
C PHE B 179 -28.96 -0.01 13.09
N ILE B 180 -29.24 1.16 13.69
CA ILE B 180 -28.89 1.38 15.11
C ILE B 180 -29.63 0.36 15.97
N HIS B 181 -30.89 0.13 15.68
CA HIS B 181 -31.62 -0.80 16.50
C HIS B 181 -31.06 -2.26 16.31
N ARG B 182 -30.64 -2.60 15.09
CA ARG B 182 -30.11 -3.94 14.72
C ARG B 182 -28.83 -4.26 15.48
N ILE B 183 -27.94 -3.27 15.60
CA ILE B 183 -26.70 -3.42 16.33
C ILE B 183 -26.99 -3.59 17.81
N GLU B 184 -28.01 -2.90 18.29
CA GLU B 184 -28.31 -2.78 19.72
C GLU B 184 -28.95 -4.06 20.23
N ALA B 185 -29.65 -4.73 19.31
CA ALA B 185 -30.30 -5.99 19.55
C ALA B 185 -29.39 -7.22 19.45
N LEU B 186 -28.22 -7.11 18.83
CA LEU B 186 -27.29 -8.24 18.82
C LEU B 186 -27.05 -8.65 20.30
N PRO B 187 -27.29 -9.96 20.63
CA PRO B 187 -27.34 -10.39 22.03
C PRO B 187 -26.08 -10.08 22.74
N ASN B 188 -24.93 -10.29 22.10
CA ASN B 188 -23.67 -9.99 22.77
C ASN B 188 -23.56 -8.54 23.06
N ILE B 189 -24.03 -7.69 22.13
CA ILE B 189 -23.91 -6.25 22.27
C ILE B 189 -24.90 -5.84 23.35
N LYS B 190 -26.08 -6.44 23.33
CA LYS B 190 -27.06 -6.02 24.31
C LYS B 190 -26.62 -6.24 25.75
N ALA B 191 -26.09 -7.43 26.01
CA ALA B 191 -25.63 -7.82 27.33
C ALA B 191 -24.47 -6.95 27.74
N PHE B 192 -23.64 -6.64 26.76
CA PHE B 192 -22.57 -5.69 26.99
C PHE B 192 -23.05 -4.29 27.39
N MET B 193 -23.96 -3.73 26.59
CA MET B 193 -24.51 -2.41 26.88
C MET B 193 -25.20 -2.36 28.25
N GLU B 194 -25.73 -3.49 28.69
CA GLU B 194 -26.39 -3.59 29.97
C GLU B 194 -25.44 -3.94 31.14
N SER B 195 -24.14 -4.11 30.88
CA SER B 195 -23.18 -4.53 31.90
C SER B 195 -22.66 -3.36 32.70
N ASP B 196 -21.96 -3.64 33.78
CA ASP B 196 -21.45 -2.53 34.62
C ASP B 196 -20.26 -1.89 33.93
N ARG B 197 -19.50 -2.70 33.22
CA ARG B 197 -18.28 -2.20 32.60
C ARG B 197 -18.57 -1.22 31.43
N PHE B 198 -19.77 -1.24 30.84
CA PHE B 198 -20.06 -0.39 29.68
C PHE B 198 -19.77 1.04 30.02
N ILE B 199 -19.33 1.86 29.06
CA ILE B 199 -19.15 3.31 29.28
C ILE B 199 -20.16 4.11 28.45
N LYS B 200 -21.18 4.68 29.08
CA LYS B 200 -22.19 5.48 28.34
C LYS B 200 -21.71 6.91 28.10
N TRP B 201 -20.69 7.37 28.84
CA TRP B 201 -20.38 8.79 28.88
C TRP B 201 -19.02 8.96 29.46
N PRO B 202 -18.23 9.94 28.97
CA PRO B 202 -18.48 10.91 27.89
C PRO B 202 -18.26 10.35 26.51
N LEU B 203 -18.77 11.10 25.56
CA LEU B 203 -18.66 10.76 24.14
C LEU B 203 -17.26 11.05 23.65
N ASN B 204 -16.80 12.26 23.95
CA ASN B 204 -15.49 12.76 23.58
C ASN B 204 -14.66 12.84 24.85
N GLY B 205 -13.48 13.45 24.76
CA GLY B 205 -12.66 13.67 25.95
C GLY B 205 -13.40 14.54 26.95
N TRP B 206 -13.09 14.38 28.24
CA TRP B 206 -13.87 15.08 29.28
C TRP B 206 -13.91 16.60 29.12
N SER B 207 -12.81 17.17 28.63
CA SER B 207 -12.66 18.63 28.55
C SER B 207 -13.40 19.24 27.40
N ALA B 208 -14.23 18.44 26.71
CA ALA B 208 -15.02 18.89 25.56
C ALA B 208 -16.32 19.65 25.92
N TYR B 209 -16.82 20.51 25.04
CA TYR B 209 -18.06 21.27 25.28
C TYR B 209 -19.31 20.56 24.79
N PHE B 210 -19.16 19.78 23.73
CA PHE B 210 -20.19 18.81 23.35
C PHE B 210 -19.74 17.37 23.74
N GLY B 211 -20.63 16.58 24.34
CA GLY B 211 -20.29 15.18 24.76
C GLY B 211 -19.09 15.03 25.73
N GLY B 212 -18.87 16.06 26.55
CA GLY B 212 -17.76 16.08 27.51
C GLY B 212 -18.30 15.99 28.92
N GLY B 213 -17.47 16.27 29.91
CA GLY B 213 -17.91 16.24 31.33
C GLY B 213 -18.11 14.82 31.85
N ASP B 214 -18.25 14.72 33.18
CA ASP B 214 -18.43 13.43 33.87
C ASP B 214 -19.82 12.81 33.65
N ALA B 215 -20.85 13.60 33.35
CA ALA B 215 -22.18 13.04 33.03
C ALA B 215 -22.93 13.96 32.07
N PRO B 216 -24.06 13.49 31.47
CA PRO B 216 -24.89 14.35 30.57
C PRO B 216 -25.54 15.49 31.34
N PRO B 217 -25.78 16.64 30.67
CA PRO B 217 -26.10 17.92 31.36
C PRO B 217 -27.43 17.97 32.12
N MET C 1 -9.25 -13.88 -8.23
CA MET C 1 -8.27 -14.91 -8.66
C MET C 1 -7.07 -14.18 -9.39
N ALA C 2 -5.86 -14.31 -8.83
CA ALA C 2 -4.67 -13.71 -9.41
C ALA C 2 -4.39 -14.25 -10.82
N PRO C 3 -3.55 -13.55 -11.58
CA PRO C 3 -3.20 -14.01 -12.93
C PRO C 3 -2.46 -15.34 -12.89
N VAL C 4 -2.65 -16.13 -13.95
CA VAL C 4 -2.03 -17.45 -14.10
C VAL C 4 -0.94 -17.46 -15.15
N LEU C 5 0.22 -17.90 -14.69
CA LEU C 5 1.35 -18.22 -15.54
C LEU C 5 1.39 -19.72 -15.68
N GLY C 6 1.29 -20.18 -16.91
CA GLY C 6 1.44 -21.59 -17.13
C GLY C 6 2.61 -21.93 -17.98
N TYR C 7 3.36 -22.94 -17.53
CA TYR C 7 4.55 -23.39 -18.21
C TYR C 7 5.05 -24.72 -17.62
N TRP C 8 5.92 -25.39 -18.37
CA TRP C 8 6.56 -26.57 -17.85
C TRP C 8 7.30 -26.22 -16.58
N LYS C 9 7.49 -27.22 -15.74
CA LYS C 9 8.18 -27.01 -14.47
C LYS C 9 9.71 -27.01 -14.63
N ILE C 10 10.18 -26.09 -15.44
CA ILE C 10 11.64 -25.95 -15.73
C ILE C 10 11.86 -24.49 -15.76
N ARG C 11 13.10 -24.09 -15.91
CA ARG C 11 13.43 -22.63 -16.04
C ARG C 11 13.08 -22.08 -17.46
N GLY C 12 13.89 -22.45 -18.44
CA GLY C 12 13.51 -22.23 -19.78
C GLY C 12 13.00 -20.80 -19.99
N LEU C 13 12.01 -20.71 -20.89
CA LEU C 13 11.50 -19.41 -21.29
C LEU C 13 10.77 -18.65 -20.22
N ALA C 14 10.29 -19.31 -19.19
CA ALA C 14 9.46 -18.60 -18.22
C ALA C 14 10.23 -18.02 -17.08
N GLN C 15 11.49 -18.44 -16.90
CA GLN C 15 12.20 -18.01 -15.72
C GLN C 15 12.32 -16.48 -15.61
N PRO C 16 12.52 -15.78 -16.76
CA PRO C 16 12.58 -14.32 -16.55
C PRO C 16 11.26 -13.72 -16.17
N ILE C 17 10.18 -14.35 -16.61
CA ILE C 17 8.80 -13.86 -16.27
C ILE C 17 8.58 -14.00 -14.72
N ARG C 18 9.02 -15.12 -14.16
CA ARG C 18 8.79 -15.39 -12.71
C ARG C 18 9.58 -14.40 -11.89
N LEU C 19 10.85 -14.27 -12.28
CA LEU C 19 11.78 -13.31 -11.70
C LEU C 19 11.20 -11.89 -11.76
N LEU C 20 10.70 -11.50 -12.92
CA LEU C 20 10.08 -10.17 -12.99
C LEU C 20 8.86 -9.96 -12.06
N LEU C 21 7.97 -10.93 -12.04
CA LEU C 21 6.77 -10.82 -11.19
C LEU C 21 7.16 -10.79 -9.72
N GLU C 22 8.15 -11.61 -9.38
CA GLU C 22 8.61 -11.60 -8.01
C GLU C 22 9.23 -10.26 -7.75
N TYR C 23 10.01 -9.78 -8.70
CA TYR C 23 10.58 -8.44 -8.44
C TYR C 23 9.54 -7.35 -8.22
N VAL C 24 8.48 -7.33 -9.00
CA VAL C 24 7.49 -6.27 -8.88
C VAL C 24 6.45 -6.48 -7.77
N GLY C 25 6.47 -7.65 -7.14
CA GLY C 25 5.56 -7.96 -6.02
C GLY C 25 4.12 -8.27 -6.40
N HIS C 26 3.87 -8.60 -7.67
CA HIS C 26 2.54 -8.91 -8.11
C HIS C 26 2.28 -10.38 -7.77
N SER C 27 1.07 -10.72 -7.39
CA SER C 27 0.83 -12.09 -7.05
C SER C 27 0.34 -12.76 -8.34
N TYR C 28 0.67 -14.04 -8.48
CA TYR C 28 0.31 -14.82 -9.65
C TYR C 28 0.20 -16.29 -9.22
N GLU C 29 -0.55 -17.10 -9.97
CA GLU C 29 -0.60 -18.52 -9.75
C GLU C 29 0.16 -19.11 -10.94
N GLU C 30 1.03 -20.08 -10.71
CA GLU C 30 1.63 -20.81 -11.80
C GLU C 30 0.83 -22.05 -11.98
N HIS C 31 0.41 -22.40 -13.18
CA HIS C 31 0.05 -23.76 -13.49
C HIS C 31 1.30 -24.41 -14.07
N SER C 32 1.90 -25.27 -13.27
CA SER C 32 3.19 -25.85 -13.53
C SER C 32 2.98 -27.28 -14.04
N TYR C 33 3.38 -27.54 -15.27
CA TYR C 33 3.26 -28.83 -15.89
C TYR C 33 4.57 -29.59 -15.65
N GLY C 34 4.51 -30.56 -14.77
CA GLY C 34 5.65 -31.40 -14.43
C GLY C 34 6.02 -32.34 -15.53
N ARG C 35 7.13 -33.00 -15.34
CA ARG C 35 7.66 -33.92 -16.35
C ARG C 35 6.66 -34.96 -16.81
N CYS C 36 5.80 -35.38 -15.90
CA CYS C 36 4.85 -36.43 -16.20
C CYS C 36 3.51 -35.88 -16.72
N ASP C 37 3.35 -34.57 -16.79
CA ASP C 37 2.03 -33.99 -17.06
C ASP C 37 1.84 -33.57 -18.49
N GLY C 38 2.47 -34.21 -19.48
CA GLY C 38 2.20 -33.84 -20.91
C GLY C 38 0.74 -33.94 -21.36
N GLU C 39 -0.02 -34.85 -20.75
CA GLU C 39 -1.44 -35.07 -21.06
C GLU C 39 -2.23 -33.91 -20.58
N LYS C 40 -1.89 -33.43 -19.39
CA LYS C 40 -2.58 -32.25 -18.87
C LYS C 40 -2.50 -31.07 -19.84
N TRP C 41 -1.33 -30.84 -20.44
CA TRP C 41 -1.14 -29.69 -21.30
C TRP C 41 -1.86 -29.92 -22.61
N GLN C 42 -1.71 -31.10 -23.17
CA GLN C 42 -2.36 -31.42 -24.42
C GLN C 42 -3.84 -31.17 -24.25
N ASN C 43 -4.34 -31.39 -23.05
CA ASN C 43 -5.74 -31.27 -22.84
C ASN C 43 -6.14 -29.83 -22.65
N ASP C 44 -5.35 -29.07 -21.88
CA ASP C 44 -5.63 -27.63 -21.70
C ASP C 44 -5.43 -26.87 -22.98
N LYS C 45 -4.58 -27.38 -23.84
CA LYS C 45 -3.99 -26.52 -24.88
C LYS C 45 -5.06 -25.79 -25.68
N HIS C 46 -6.11 -26.50 -26.09
CA HIS C 46 -7.17 -25.85 -26.86
C HIS C 46 -8.35 -25.44 -26.03
N ASN C 47 -8.26 -25.51 -24.70
CA ASN C 47 -9.39 -25.22 -23.81
C ASN C 47 -9.15 -24.10 -22.78
N LEU C 48 -8.36 -23.13 -23.17
CA LEU C 48 -8.02 -22.09 -22.23
C LEU C 48 -8.31 -20.75 -22.84
N GLY C 49 -9.09 -20.77 -23.93
CA GLY C 49 -9.34 -19.60 -24.77
C GLY C 49 -8.12 -18.96 -25.43
N LEU C 50 -7.09 -19.74 -25.73
CA LEU C 50 -5.86 -19.14 -26.22
C LEU C 50 -5.99 -18.94 -27.68
N GLU C 51 -5.79 -17.73 -28.15
CA GLU C 51 -5.82 -17.49 -29.60
C GLU C 51 -4.70 -18.22 -30.36
N LEU C 52 -3.52 -18.35 -29.77
CA LEU C 52 -2.33 -18.93 -30.47
C LEU C 52 -1.65 -19.85 -29.47
N PRO C 53 -2.32 -20.97 -29.17
CA PRO C 53 -2.02 -21.84 -28.05
C PRO C 53 -0.55 -22.20 -27.95
N ASN C 54 0.03 -22.09 -26.77
CA ASN C 54 1.45 -22.31 -26.59
C ASN C 54 1.80 -22.25 -25.10
N LEU C 55 3.02 -22.68 -24.79
CA LEU C 55 3.57 -22.62 -23.47
C LEU C 55 4.79 -21.72 -23.60
N PRO C 56 4.93 -20.70 -22.73
CA PRO C 56 4.07 -20.33 -21.63
C PRO C 56 2.88 -19.58 -22.11
N TYR C 57 1.85 -19.52 -21.26
CA TYR C 57 0.65 -18.70 -21.44
C TYR C 57 0.45 -17.92 -20.20
N TYR C 58 -0.35 -16.88 -20.32
CA TYR C 58 -0.69 -16.00 -19.18
C TYR C 58 -2.16 -15.66 -19.28
N LYS C 59 -2.86 -15.83 -18.15
CA LYS C 59 -4.29 -15.61 -18.15
C LYS C 59 -4.67 -14.78 -16.98
N ASP C 60 -5.52 -13.84 -17.26
CA ASP C 60 -5.97 -12.92 -16.27
C ASP C 60 -7.39 -12.50 -16.62
N GLY C 61 -8.34 -13.29 -16.16
CA GLY C 61 -9.72 -13.11 -16.50
C GLY C 61 -9.91 -13.48 -17.93
N ASN C 62 -10.63 -12.60 -18.64
CA ASN C 62 -10.82 -12.65 -20.07
C ASN C 62 -9.55 -12.52 -20.92
N PHE C 63 -8.51 -11.94 -20.36
CA PHE C 63 -7.36 -11.58 -21.14
C PHE C 63 -6.42 -12.75 -21.10
N SER C 64 -5.99 -13.20 -22.26
CA SER C 64 -4.99 -14.26 -22.27
C SER C 64 -3.87 -13.94 -23.27
N LEU C 65 -2.69 -14.53 -23.07
CA LEU C 65 -1.51 -14.33 -23.96
C LEU C 65 -0.66 -15.58 -24.04
N THR C 66 0.01 -15.72 -25.19
CA THR C 66 1.16 -16.60 -25.30
C THR C 66 2.37 -15.84 -25.84
N GLN C 67 3.48 -16.54 -26.05
CA GLN C 67 4.72 -15.92 -26.46
C GLN C 67 5.37 -15.29 -25.25
N SER C 68 6.45 -15.90 -24.75
CA SER C 68 7.11 -15.41 -23.56
C SER C 68 7.53 -13.96 -23.60
N LEU C 69 8.04 -13.51 -24.73
CA LEU C 69 8.40 -12.11 -24.81
C LEU C 69 7.21 -11.21 -24.64
N ALA C 70 6.08 -11.62 -25.23
CA ALA C 70 4.88 -10.78 -25.12
C ALA C 70 4.40 -10.72 -23.65
N ILE C 71 4.54 -11.79 -22.94
CA ILE C 71 4.09 -11.86 -21.54
C ILE C 71 4.97 -11.01 -20.69
N LEU C 72 6.23 -11.18 -20.97
CA LEU C 72 7.20 -10.43 -20.25
C LEU C 72 6.97 -8.96 -20.48
N ARG C 73 6.72 -8.60 -21.73
CA ARG C 73 6.54 -7.20 -22.08
C ARG C 73 5.27 -6.67 -21.53
N TYR C 74 4.27 -7.54 -21.37
CA TYR C 74 2.97 -7.06 -20.81
C TYR C 74 3.18 -6.57 -19.37
N ILE C 75 3.87 -7.38 -18.59
CA ILE C 75 4.07 -7.11 -17.17
C ILE C 75 4.97 -5.91 -17.07
N ALA C 76 5.97 -5.88 -17.94
CA ALA C 76 6.90 -4.77 -18.03
C ALA C 76 6.23 -3.46 -18.41
N ASP C 77 5.34 -3.53 -19.41
CA ASP C 77 4.59 -2.39 -19.90
C ASP C 77 3.78 -1.78 -18.76
N LYS C 78 3.13 -2.59 -17.95
CA LYS C 78 2.29 -2.10 -16.83
C LYS C 78 3.12 -1.48 -15.71
N HIS C 79 4.44 -1.69 -15.72
CA HIS C 79 5.33 -0.95 -14.85
C HIS C 79 6.22 0.03 -15.56
N ASN C 80 5.87 0.41 -16.77
CA ASN C 80 6.54 1.49 -17.48
C ASN C 80 8.01 1.19 -17.78
N MET C 81 8.31 -0.07 -18.13
CA MET C 81 9.62 -0.53 -18.49
C MET C 81 9.84 -0.72 -19.99
N ILE C 82 8.95 -0.25 -20.84
CA ILE C 82 9.13 -0.54 -22.23
C ILE C 82 9.49 0.68 -23.03
N GLY C 83 9.65 1.81 -22.36
CA GLY C 83 10.01 3.03 -23.05
C GLY C 83 8.80 3.90 -23.25
N ASN C 84 9.09 5.18 -23.53
CA ASN C 84 8.13 6.29 -23.61
C ASN C 84 8.23 7.10 -24.95
N THR C 85 9.18 6.76 -25.81
CA THR C 85 9.29 7.34 -27.14
C THR C 85 9.57 6.25 -28.16
N PRO C 86 9.34 6.52 -29.46
CA PRO C 86 9.59 5.51 -30.46
C PRO C 86 11.02 5.06 -30.42
N VAL C 87 11.95 5.98 -30.29
CA VAL C 87 13.38 5.63 -30.24
C VAL C 87 13.69 4.74 -29.01
N GLU C 88 13.12 5.10 -27.84
CA GLU C 88 13.45 4.36 -26.61
C GLU C 88 12.80 2.97 -26.67
N ARG C 89 11.59 2.91 -27.19
CA ARG C 89 10.89 1.65 -27.35
C ARG C 89 11.61 0.70 -28.32
N ALA C 90 12.12 1.25 -29.43
CA ALA C 90 12.87 0.44 -30.36
C ALA C 90 14.19 -0.07 -29.75
N LYS C 91 14.86 0.80 -29.01
CA LYS C 91 16.03 0.42 -28.23
C LYS C 91 15.80 -0.75 -27.26
N ILE C 92 14.78 -0.63 -26.47
CA ILE C 92 14.38 -1.70 -25.58
C ILE C 92 14.07 -3.04 -26.32
N SER C 93 13.38 -2.95 -27.44
CA SER C 93 13.10 -4.14 -28.25
C SER C 93 14.36 -4.74 -28.84
N MET C 94 15.32 -3.90 -29.21
CA MET C 94 16.65 -4.40 -29.71
C MET C 94 17.36 -5.26 -28.65
N ILE C 95 17.38 -4.72 -27.44
CA ILE C 95 18.06 -5.35 -26.33
C ILE C 95 17.32 -6.66 -26.08
N GLU C 96 16.01 -6.59 -25.98
CA GLU C 96 15.20 -7.86 -25.92
C GLU C 96 15.62 -8.86 -26.94
N GLY C 97 15.72 -8.47 -28.22
CA GLY C 97 16.01 -9.44 -29.28
C GLY C 97 17.39 -10.06 -29.14
N GLY C 98 18.31 -9.21 -28.68
CA GLY C 98 19.67 -9.64 -28.42
C GLY C 98 19.70 -10.64 -27.30
N LEU C 99 18.89 -10.41 -26.28
CA LEU C 99 18.84 -11.32 -25.14
C LEU C 99 18.17 -12.65 -25.46
N VAL C 100 17.17 -12.62 -26.33
CA VAL C 100 16.59 -13.85 -26.80
C VAL C 100 17.61 -14.67 -27.56
N ASP C 101 18.37 -14.02 -28.43
CA ASP C 101 19.50 -14.70 -29.15
C ASP C 101 20.47 -15.30 -28.16
N LEU C 102 20.81 -14.53 -27.16
CA LEU C 102 21.78 -15.01 -26.19
C LEU C 102 21.33 -16.32 -25.48
N ARG C 103 20.08 -16.39 -25.05
CA ARG C 103 19.51 -17.58 -24.38
C ARG C 103 19.31 -18.75 -25.33
N ALA C 104 18.87 -18.41 -26.53
CA ALA C 104 18.65 -19.36 -27.62
C ALA C 104 19.88 -20.09 -28.07
N GLY C 105 20.99 -19.38 -28.12
CA GLY C 105 22.20 -20.01 -28.60
C GLY C 105 22.47 -21.31 -27.84
N VAL C 106 22.21 -21.30 -26.54
CA VAL C 106 22.28 -22.52 -25.74
C VAL C 106 21.19 -23.51 -26.17
N SER C 107 19.94 -23.08 -26.15
CA SER C 107 18.84 -23.95 -26.47
C SER C 107 18.99 -24.60 -27.85
N ARG C 108 19.52 -23.90 -28.86
CA ARG C 108 19.53 -24.49 -30.19
C ARG C 108 20.55 -25.65 -30.28
N ILE C 109 21.39 -25.85 -29.28
CA ILE C 109 22.31 -27.03 -29.28
C ILE C 109 22.10 -27.99 -28.12
N ALA C 110 21.36 -27.57 -27.09
CA ALA C 110 21.26 -28.35 -25.84
C ALA C 110 20.47 -29.68 -26.03
N TYR C 111 19.58 -29.71 -27.03
CA TYR C 111 18.66 -30.82 -27.28
C TYR C 111 19.26 -31.86 -28.24
N GLN C 112 20.43 -31.57 -28.80
CA GLN C 112 21.08 -32.53 -29.71
C GLN C 112 21.93 -33.59 -28.96
N GLU C 113 21.85 -34.84 -29.39
CA GLU C 113 22.82 -35.86 -28.96
C GLU C 113 24.28 -35.43 -29.16
N THR C 114 24.53 -34.75 -30.26
CA THR C 114 25.88 -34.30 -30.62
C THR C 114 26.34 -33.02 -29.87
N PHE C 115 25.55 -32.59 -28.91
CA PHE C 115 25.92 -31.47 -28.10
C PHE C 115 27.41 -31.35 -27.78
N GLU C 116 28.12 -32.46 -27.49
CA GLU C 116 29.51 -32.32 -27.02
C GLU C 116 30.39 -31.79 -28.17
N GLN C 117 30.11 -32.23 -29.38
CA GLN C 117 30.70 -31.62 -30.54
C GLN C 117 30.16 -30.24 -30.81
N LEU C 118 28.85 -30.06 -30.69
CA LEU C 118 28.31 -28.78 -31.07
C LEU C 118 28.74 -27.70 -30.11
N LYS C 119 29.09 -28.07 -28.90
CA LYS C 119 29.57 -27.02 -27.98
C LYS C 119 30.89 -26.33 -28.38
N VAL C 120 31.64 -26.91 -29.32
CA VAL C 120 32.98 -26.46 -29.62
C VAL C 120 32.94 -25.15 -30.39
N PRO C 121 32.29 -25.13 -31.55
CA PRO C 121 32.03 -23.83 -32.17
C PRO C 121 31.31 -22.83 -31.30
N TYR C 122 30.30 -23.25 -30.56
CA TYR C 122 29.67 -22.32 -29.60
C TYR C 122 30.75 -21.66 -28.64
N LEU C 123 31.59 -22.46 -27.98
CA LEU C 123 32.55 -21.90 -27.03
C LEU C 123 33.59 -20.99 -27.69
N GLN C 124 33.95 -21.31 -28.90
CA GLN C 124 34.72 -20.42 -29.73
C GLN C 124 34.09 -19.00 -29.84
N GLN C 125 32.79 -18.90 -30.05
CA GLN C 125 32.21 -17.59 -30.35
C GLN C 125 31.75 -16.91 -29.10
N LEU C 126 31.62 -17.69 -28.02
CA LEU C 126 31.01 -17.16 -26.79
C LEU C 126 31.71 -15.93 -26.23
N PRO C 127 33.06 -15.97 -26.14
CA PRO C 127 33.73 -14.81 -25.52
C PRO C 127 33.46 -13.49 -26.25
N SER C 128 33.41 -13.49 -27.57
CA SER C 128 33.09 -12.24 -28.24
C SER C 128 31.63 -11.80 -28.06
N THR C 129 30.71 -12.75 -27.88
CA THR C 129 29.32 -12.39 -27.56
C THR C 129 29.27 -11.80 -26.15
N LEU C 130 29.96 -12.42 -25.18
CA LEU C 130 29.93 -11.92 -23.81
C LEU C 130 30.57 -10.53 -23.82
N ARG C 131 31.67 -10.41 -24.53
CA ARG C 131 32.39 -9.15 -24.56
C ARG C 131 31.45 -8.12 -25.12
N MET C 132 30.73 -8.42 -26.20
CA MET C 132 29.77 -7.43 -26.71
C MET C 132 28.78 -6.98 -25.61
N TRP C 133 28.28 -7.91 -24.80
CA TRP C 133 27.35 -7.57 -23.72
C TRP C 133 28.04 -6.83 -22.59
N SER C 134 29.26 -7.20 -22.23
CA SER C 134 29.96 -6.50 -21.15
C SER C 134 30.22 -5.00 -21.50
N GLN C 135 30.58 -4.79 -22.75
CA GLN C 135 30.76 -3.47 -23.28
C GLN C 135 29.46 -2.75 -23.32
N PHE C 136 28.39 -3.40 -23.82
CA PHE C 136 27.08 -2.73 -23.79
C PHE C 136 26.71 -2.35 -22.37
N LEU C 137 26.88 -3.22 -21.43
CA LEU C 137 26.54 -2.86 -20.06
C LEU C 137 27.48 -1.76 -19.50
N GLY C 138 28.75 -1.81 -19.93
CA GLY C 138 29.82 -0.97 -19.39
C GLY C 138 29.79 -0.89 -17.86
N ASN C 139 29.69 0.32 -17.34
CA ASN C 139 29.61 0.57 -15.91
C ASN C 139 28.20 0.86 -15.43
N ASN C 140 27.18 0.65 -16.27
CA ASN C 140 25.82 0.83 -15.80
C ASN C 140 25.52 -0.34 -14.86
N SER C 141 24.76 -0.10 -13.81
CA SER C 141 24.20 -1.18 -13.01
C SER C 141 23.21 -2.07 -13.74
N TYR C 142 22.44 -1.50 -14.65
CA TYR C 142 21.45 -2.23 -15.38
C TYR C 142 21.47 -1.91 -16.84
N LEU C 143 20.93 -2.82 -17.65
CA LEU C 143 21.02 -2.69 -19.11
C LEU C 143 20.41 -1.45 -19.65
N HIS C 144 19.25 -1.03 -19.12
CA HIS C 144 18.65 0.19 -19.61
C HIS C 144 18.08 0.98 -18.47
N GLY C 145 18.39 2.27 -18.41
CA GLY C 145 17.94 3.13 -17.29
C GLY C 145 18.74 2.76 -16.04
N SER C 146 18.21 3.10 -14.86
CA SER C 146 18.93 2.89 -13.61
C SER C 146 18.26 1.94 -12.63
N THR C 147 17.14 1.30 -12.98
CA THR C 147 16.53 0.31 -12.09
C THR C 147 16.29 -0.97 -12.85
N PRO C 148 16.01 -2.02 -12.12
CA PRO C 148 15.91 -3.31 -12.79
C PRO C 148 14.70 -3.35 -13.70
N THR C 149 14.86 -3.83 -14.93
CA THR C 149 13.75 -4.14 -15.81
C THR C 149 13.76 -5.61 -16.26
N HIS C 150 12.70 -5.90 -17.03
CA HIS C 150 12.57 -7.18 -17.63
C HIS C 150 13.87 -7.52 -18.31
N LEU C 151 14.56 -6.52 -18.88
CA LEU C 151 15.80 -6.80 -19.62
C LEU C 151 16.85 -7.48 -18.70
N ASP C 152 16.91 -6.98 -17.47
CA ASP C 152 17.92 -7.43 -16.53
C ASP C 152 17.66 -8.85 -16.12
N PHE C 153 16.38 -9.22 -16.04
CA PHE C 153 16.00 -10.56 -15.64
C PHE C 153 16.21 -11.54 -16.77
N MET C 154 15.96 -11.13 -18.02
CA MET C 154 16.32 -11.94 -19.17
C MET C 154 17.84 -12.24 -19.22
N PHE C 155 18.63 -11.18 -19.05
CA PHE C 155 20.11 -11.22 -19.11
C PHE C 155 20.67 -12.04 -17.99
N TYR C 156 20.21 -11.79 -16.78
CA TYR C 156 20.59 -12.59 -15.59
C TYR C 156 20.52 -14.10 -15.90
N GLU C 157 19.41 -14.50 -16.50
CA GLU C 157 19.07 -15.90 -16.59
C GLU C 157 19.90 -16.50 -17.68
N ALA C 158 20.07 -15.76 -18.77
CA ALA C 158 20.99 -16.23 -19.82
C ALA C 158 22.42 -16.36 -19.35
N LEU C 159 22.90 -15.42 -18.56
CA LEU C 159 24.25 -15.52 -18.05
C LEU C 159 24.38 -16.68 -17.09
N ASP C 160 23.37 -16.90 -16.30
CA ASP C 160 23.48 -17.96 -15.32
C ASP C 160 23.47 -19.31 -15.99
N VAL C 161 22.62 -19.49 -16.98
CA VAL C 161 22.61 -20.74 -17.72
C VAL C 161 23.97 -20.99 -18.42
N ILE C 162 24.49 -19.94 -19.06
CA ILE C 162 25.79 -20.02 -19.74
C ILE C 162 26.91 -20.38 -18.78
N ARG C 163 26.77 -19.96 -17.54
CA ARG C 163 27.74 -20.29 -16.50
C ARG C 163 27.78 -21.74 -16.10
N TYR C 164 26.67 -22.44 -16.16
CA TYR C 164 26.72 -23.89 -16.00
C TYR C 164 27.45 -24.46 -17.15
N LEU C 165 27.29 -23.88 -18.34
CA LEU C 165 27.89 -24.49 -19.55
C LEU C 165 29.42 -24.38 -19.57
N ASP C 166 29.94 -23.20 -19.19
CA ASP C 166 31.36 -22.97 -18.97
C ASP C 166 31.52 -21.84 -17.97
N PRO C 167 31.75 -22.20 -16.72
CA PRO C 167 31.73 -21.21 -15.62
C PRO C 167 32.70 -20.02 -15.80
N THR C 168 33.88 -20.37 -16.33
CA THR C 168 34.95 -19.41 -16.57
C THR C 168 34.66 -18.38 -17.65
N SER C 169 33.89 -18.75 -18.67
CA SER C 169 33.35 -17.76 -19.65
C SER C 169 32.88 -16.42 -19.10
N VAL C 170 31.83 -16.47 -18.31
CA VAL C 170 31.26 -15.25 -17.80
C VAL C 170 32.24 -14.55 -16.85
N GLU C 171 33.07 -15.35 -16.15
CA GLU C 171 34.05 -14.82 -15.17
C GLU C 171 35.18 -14.03 -15.76
N ALA C 172 35.46 -14.19 -17.06
CA ALA C 172 36.36 -13.25 -17.73
C ALA C 172 35.89 -11.83 -17.68
N PHE C 173 34.67 -11.56 -17.21
CA PHE C 173 34.12 -10.21 -17.27
C PHE C 173 33.61 -9.71 -15.95
N PRO C 174 34.45 -8.95 -15.23
CA PRO C 174 34.02 -8.62 -13.90
C PRO C 174 32.68 -7.90 -13.83
N ASN C 175 32.33 -7.12 -14.82
CA ASN C 175 31.04 -6.42 -14.72
C ASN C 175 29.79 -7.35 -14.87
N LEU C 176 29.99 -8.45 -15.58
CA LEU C 176 28.95 -9.42 -15.72
C LEU C 176 28.77 -10.16 -14.43
N MET C 177 29.85 -10.73 -13.86
CA MET C 177 29.76 -11.28 -12.51
C MET C 177 29.18 -10.28 -11.52
N GLN C 178 29.51 -9.01 -11.64
CA GLN C 178 29.01 -8.07 -10.68
C GLN C 178 27.51 -7.86 -10.88
N PHE C 179 27.06 -7.89 -12.11
CA PHE C 179 25.63 -7.75 -12.44
C PHE C 179 24.85 -8.96 -11.85
N ILE C 180 25.36 -10.14 -12.10
CA ILE C 180 24.78 -11.32 -11.48
C ILE C 180 24.56 -11.16 -9.98
N HIS C 181 25.59 -10.69 -9.27
CA HIS C 181 25.51 -10.55 -7.82
C HIS C 181 24.48 -9.50 -7.44
N ARG C 182 24.38 -8.48 -8.29
CA ARG C 182 23.49 -7.36 -8.09
C ARG C 182 22.08 -7.86 -8.13
N ILE C 183 21.77 -8.69 -9.12
CA ILE C 183 20.42 -9.18 -9.31
C ILE C 183 20.07 -10.09 -8.19
N GLU C 184 20.99 -11.00 -7.85
CA GLU C 184 20.73 -11.96 -6.79
C GLU C 184 20.55 -11.29 -5.42
N ALA C 185 21.14 -10.12 -5.24
CA ALA C 185 20.98 -9.35 -3.98
C ALA C 185 19.72 -8.56 -3.91
N LEU C 186 18.97 -8.45 -4.99
CA LEU C 186 17.69 -7.72 -4.88
C LEU C 186 16.79 -8.43 -3.89
N PRO C 187 16.37 -7.75 -2.82
CA PRO C 187 15.65 -8.44 -1.78
C PRO C 187 14.56 -9.35 -2.31
N ASN C 188 13.69 -8.88 -3.20
CA ASN C 188 12.61 -9.74 -3.67
C ASN C 188 13.15 -10.92 -4.47
N ILE C 189 14.33 -10.81 -5.04
CA ILE C 189 14.83 -11.95 -5.85
C ILE C 189 15.45 -12.99 -4.94
N LYS C 190 16.16 -12.50 -3.93
CA LYS C 190 16.76 -13.31 -2.89
C LYS C 190 15.77 -14.17 -2.16
N ALA C 191 14.70 -13.56 -1.74
CA ALA C 191 13.62 -14.26 -1.06
C ALA C 191 13.05 -15.28 -2.04
N PHE C 192 12.70 -14.88 -3.26
CA PHE C 192 12.23 -15.86 -4.24
C PHE C 192 13.21 -17.04 -4.36
N MET C 193 14.47 -16.74 -4.53
CA MET C 193 15.46 -17.78 -4.73
C MET C 193 15.63 -18.70 -3.51
N GLU C 194 15.35 -18.17 -2.35
CA GLU C 194 15.36 -18.99 -1.16
C GLU C 194 14.01 -19.62 -0.87
N SER C 195 13.03 -19.51 -1.75
CA SER C 195 11.69 -20.00 -1.41
C SER C 195 11.50 -21.43 -1.91
N ASP C 196 10.44 -22.06 -1.43
CA ASP C 196 10.14 -23.45 -1.85
C ASP C 196 9.76 -23.48 -3.32
N ARG C 197 9.21 -22.39 -3.84
CA ARG C 197 8.72 -22.34 -5.20
C ARG C 197 9.77 -22.10 -6.28
N PHE C 198 10.95 -21.57 -5.93
CA PHE C 198 12.01 -21.37 -6.91
C PHE C 198 12.23 -22.66 -7.70
N ILE C 199 12.58 -22.59 -8.97
CA ILE C 199 13.00 -23.77 -9.74
C ILE C 199 14.41 -23.52 -10.20
N LYS C 200 15.36 -24.30 -9.69
CA LYS C 200 16.75 -24.10 -10.00
C LYS C 200 17.22 -25.10 -11.05
N TRP C 201 16.37 -26.05 -11.41
CA TRP C 201 16.74 -27.10 -12.31
C TRP C 201 15.46 -27.81 -12.81
N PRO C 202 15.44 -28.23 -14.07
CA PRO C 202 16.42 -28.05 -15.11
C PRO C 202 16.39 -26.67 -15.79
N LEU C 203 17.41 -26.44 -16.61
CA LEU C 203 17.64 -25.16 -17.28
C LEU C 203 16.82 -25.15 -18.54
N ASN C 204 16.84 -26.29 -19.23
CA ASN C 204 16.14 -26.51 -20.48
C ASN C 204 15.05 -27.56 -20.26
N GLY C 205 14.44 -28.06 -21.35
CA GLY C 205 13.57 -29.25 -21.23
C GLY C 205 14.32 -30.42 -20.59
N TRP C 206 13.60 -31.27 -19.87
CA TRP C 206 14.22 -32.39 -19.19
C TRP C 206 14.98 -33.34 -20.12
N SER C 207 14.56 -33.44 -21.37
CA SER C 207 15.19 -34.30 -22.34
C SER C 207 16.42 -33.70 -22.99
N ALA C 208 16.79 -32.46 -22.66
CA ALA C 208 18.04 -31.90 -23.20
C ALA C 208 19.29 -32.66 -22.70
N TYR C 209 20.32 -32.76 -23.56
CA TYR C 209 21.63 -33.34 -23.22
C TYR C 209 22.47 -32.39 -22.41
N PHE C 210 22.19 -31.11 -22.55
CA PHE C 210 22.77 -30.13 -21.60
C PHE C 210 21.66 -29.42 -20.86
N GLY C 211 21.79 -29.32 -19.57
CA GLY C 211 20.82 -28.57 -18.76
C GLY C 211 19.44 -29.23 -18.65
N GLY C 212 19.40 -30.54 -18.96
CA GLY C 212 18.21 -31.41 -18.81
C GLY C 212 18.27 -32.31 -17.58
N GLY C 213 17.35 -33.26 -17.50
CA GLY C 213 17.33 -34.20 -16.35
C GLY C 213 16.75 -33.57 -15.11
N ASP C 214 16.52 -34.36 -14.05
CA ASP C 214 15.90 -33.86 -12.84
C ASP C 214 16.88 -33.19 -11.91
N ALA C 215 18.17 -33.47 -12.06
CA ALA C 215 19.17 -32.77 -11.25
C ALA C 215 20.45 -32.47 -12.05
N PRO C 216 21.23 -31.44 -11.64
CA PRO C 216 22.47 -31.20 -12.41
C PRO C 216 23.30 -32.46 -12.29
N PRO C 217 24.15 -32.75 -13.27
CA PRO C 217 24.81 -34.04 -13.21
C PRO C 217 25.99 -33.92 -12.25
N1 GSH D . -10.15 11.22 5.14
CA1 GSH D . -10.27 11.74 3.82
C1 GSH D . -9.16 11.24 2.95
O11 GSH D . -8.14 10.84 3.42
O12 GSH D . -9.34 11.28 1.73
CB1 GSH D . -10.31 13.25 3.85
CG1 GSH D . -10.60 13.81 2.47
CD1 GSH D . -10.89 15.29 2.46
OE1 GSH D . -11.23 15.82 3.49
N2 GSH D . -10.78 15.91 1.30
CA2 GSH D . -11.01 17.31 1.07
C2 GSH D . -12.04 17.58 0.00
O2 GSH D . -11.88 18.47 -0.79
CB2 GSH D . -9.71 17.98 0.73
SG2 GSH D . -8.19 17.28 1.43
N3 GSH D . -13.10 16.83 -0.06
CA3 GSH D . -14.12 16.97 -1.08
C3 GSH D . -15.48 17.38 -0.61
O31 GSH D . -15.61 17.77 0.54
O32 GSH D . -16.43 17.35 -1.35
S SO4 E . -1.51 33.70 -2.59
O1 SO4 E . -1.90 32.56 -3.43
O2 SO4 E . -2.45 33.84 -1.43
O3 SO4 E . -0.09 33.56 -2.19
O4 SO4 E . -1.59 34.88 -3.48
ZN ZN F . 2.42 -3.35 -10.52
N1 GSH G . -4.58 8.44 15.28
CA1 GSH G . -4.52 7.93 16.62
C1 GSH G . -5.49 6.80 16.83
O11 GSH G . -6.40 6.61 16.05
O12 GSH G . -5.33 6.06 17.77
CB1 GSH G . -4.76 9.07 17.56
CG1 GSH G . -4.30 8.81 18.96
CD1 GSH G . -4.57 9.97 19.87
OE1 GSH G . -4.63 11.08 19.41
N2 GSH G . -4.71 9.71 21.15
CA2 GSH G . -4.83 10.70 22.18
C2 GSH G . -3.82 10.52 23.27
O2 GSH G . -4.09 10.72 24.41
CB2 GSH G . -6.23 10.68 22.76
SG2 GSH G . -7.56 10.69 21.56
N3 GSH G . -2.62 10.16 22.92
CA3 GSH G . -1.64 9.74 23.88
C3 GSH G . -0.51 10.70 23.87
O31 GSH G . -0.63 11.68 23.17
O32 GSH G . 0.48 10.48 24.56
S SO4 H . -28.81 -8.88 3.98
O1 SO4 H . -29.50 -9.31 5.24
O2 SO4 H . -28.50 -7.44 4.14
O3 SO4 H . -27.60 -9.69 3.67
O4 SO4 H . -29.77 -9.03 2.84
ZN ZN I . -12.49 -15.17 18.22
N1 GSH J . 8.24 -18.42 -29.19
CA1 GSH J . 7.52 -19.11 -28.16
C1 GSH J . 7.74 -18.36 -26.89
O11 GSH J . 8.76 -17.72 -26.76
O12 GSH J . 6.86 -18.39 -26.07
CB1 GSH J . 7.97 -20.54 -28.11
CG1 GSH J . 7.11 -21.42 -27.23
CD1 GSH J . 7.64 -22.83 -27.17
OE1 GSH J . 8.39 -23.21 -28.02
N2 GSH J . 7.22 -23.58 -26.16
CA2 GSH J . 7.40 -25.00 -26.07
C2 GSH J . 6.12 -25.80 -25.85
O2 GSH J . 6.14 -26.81 -25.19
CB2 GSH J . 8.45 -25.41 -25.02
SG2 GSH J . 9.45 -24.15 -24.22
N3 GSH J . 5.05 -25.33 -26.46
CA3 GSH J . 3.73 -25.90 -26.39
C3 GSH J . 3.40 -26.77 -27.56
O31 GSH J . 4.29 -26.96 -28.37
O32 GSH J . 2.29 -27.26 -27.71
S SO4 K . -2.88 -4.38 -12.44
O1 SO4 K . -4.32 -4.56 -12.67
O2 SO4 K . -2.64 -4.74 -11.04
O3 SO4 K . -2.11 -5.33 -13.29
O4 SO4 K . -2.55 -2.93 -12.66
S SO4 L . 17.25 -37.93 -15.70
O1 SO4 L . 17.09 -39.36 -15.32
O2 SO4 L . 16.24 -37.09 -15.02
O3 SO4 L . 18.50 -37.41 -15.09
O4 SO4 L . 17.16 -37.90 -17.21
S SO4 M . 23.90 3.62 -12.46
O1 SO4 M . 22.54 4.06 -12.88
O2 SO4 M . 23.86 3.01 -11.11
O3 SO4 M . 24.49 2.61 -13.37
O4 SO4 M . 24.70 4.88 -12.45
S SO4 N . 26.24 -2.38 -6.77
O1 SO4 N . 26.30 -2.95 -5.42
O2 SO4 N . 26.89 -1.03 -6.85
O3 SO4 N . 26.99 -3.39 -7.60
O4 SO4 N . 24.83 -2.16 -7.18
#